data_3L1R
#
_entry.id   3L1R
#
_cell.length_a   137.676
_cell.length_b   137.676
_cell.length_c   189.148
_cell.angle_alpha   90.00
_cell.angle_beta   90.00
_cell.angle_gamma   120.00
#
_symmetry.space_group_name_H-M   'P 31 2 1'
#
loop_
_entity.id
_entity.type
_entity.pdbx_description
1 polymer 'Polyamine oxidase'
2 branched 2-acetamido-2-deoxy-beta-D-glucopyranose-(1-4)-2-acetamido-2-deoxy-beta-D-glucopyranose
3 non-polymer 'FLAVIN-ADENINE DINUCLEOTIDE'
4 non-polymer 2-acetamido-2-deoxy-beta-D-glucopyranose
5 non-polymer SPERMIDINE
6 non-polymer 'SULFATE ION'
7 non-polymer 'CHLORIDE ION'
8 water water
#
_entity_poly.entity_id   1
_entity_poly.type   'polypeptide(L)'
_entity_poly.pdbx_seq_one_letter_code
;ATVGPRVIVVGAGMSGISAAKRLSEAGITDLLILEATDHIGGRMHKTNFAGINVELGANWVEGVNGGKMNPIWPIVNSTL
KLRNFRSDFDYLAQNVYKEDGGVYDEDYVQKRIELADSVEEMGEKLSATLHASGRDDMSILAMQRLNEHQPNGPATPVDM
VVDYYKFDYEFAEPPRVTSLQNTVPLATFSDFGDDVYFVADQRGYEAVVYYLAGQYLKTDDKSGKIVDPRLQLNKVVREI
KYSPGGVTVKTEDNSVYSADYVMVSASLGVLQSDLIQFKPKLPTWKVRAIYQFDMAVYTMIFLKFPRKFWPEGKGREFFL
YASSRRGYYGVWQEFEKQYPDANVLLVTVTDEESRRIEQQSDEQTKAEIMQVLRKMFPGKDVPDATDILVPRWWSDRFYK
GTFSNWPVGVNRYEYDQLRAPVGRVYFTGEHTSEHYNGYVHGAYLSGIDSAEILINCAQKKMCKYHVQGKYDHHHHHH
;
_entity_poly.pdbx_strand_id   A,B
#
# COMPACT_ATOMS: atom_id res chain seq x y z
N THR A 2 -15.00 -34.59 -30.89
CA THR A 2 -15.78 -35.19 -32.01
C THR A 2 -17.17 -35.70 -31.61
N VAL A 3 -17.27 -36.42 -30.48
CA VAL A 3 -18.56 -36.97 -29.94
C VAL A 3 -18.65 -36.98 -28.41
N GLY A 4 -19.58 -36.21 -27.85
CA GLY A 4 -19.69 -35.98 -26.41
C GLY A 4 -19.79 -34.48 -26.18
N PRO A 5 -19.63 -34.01 -24.93
CA PRO A 5 -19.68 -32.56 -24.64
C PRO A 5 -18.53 -31.79 -25.30
N ARG A 6 -18.76 -30.52 -25.63
CA ARG A 6 -17.72 -29.67 -26.19
C ARG A 6 -17.34 -28.57 -25.19
N VAL A 7 -16.03 -28.46 -24.91
CA VAL A 7 -15.50 -27.44 -24.01
C VAL A 7 -14.60 -26.52 -24.82
N ILE A 8 -14.78 -25.21 -24.65
CA ILE A 8 -13.85 -24.21 -25.20
C ILE A 8 -12.92 -23.72 -24.08
N VAL A 9 -11.62 -23.89 -24.28
CA VAL A 9 -10.61 -23.38 -23.35
C VAL A 9 -10.08 -22.04 -23.87
N VAL A 10 -10.30 -20.99 -23.09
CA VAL A 10 -9.79 -19.67 -23.43
C VAL A 10 -8.35 -19.54 -22.95
N GLY A 11 -7.42 -19.51 -23.90
CA GLY A 11 -6.01 -19.27 -23.59
C GLY A 11 -5.19 -20.54 -23.49
N ALA A 12 -4.03 -20.52 -24.15
CA ALA A 12 -3.12 -21.66 -24.17
C ALA A 12 -1.86 -21.41 -23.34
N GLY A 13 -2.06 -20.83 -22.15
CA GLY A 13 -0.97 -20.71 -21.18
C GLY A 13 -0.69 -22.03 -20.51
N MET A 14 0.05 -21.99 -19.40
CA MET A 14 0.32 -23.18 -18.60
C MET A 14 -0.97 -23.88 -18.11
N SER A 15 -1.82 -23.14 -17.41
CA SER A 15 -3.07 -23.71 -16.88
C SER A 15 -4.05 -24.09 -17.98
N GLY A 16 -4.09 -23.29 -19.05
CA GLY A 16 -4.89 -23.59 -20.24
C GLY A 16 -4.54 -24.94 -20.84
N ILE A 17 -3.25 -25.12 -21.14
CA ILE A 17 -2.73 -26.36 -21.72
C ILE A 17 -2.93 -27.55 -20.76
N SER A 18 -2.62 -27.33 -19.48
CA SER A 18 -2.81 -28.35 -18.47
C SER A 18 -4.27 -28.80 -18.39
N ALA A 19 -5.18 -27.83 -18.30
CA ALA A 19 -6.62 -28.11 -18.16
C ALA A 19 -7.16 -28.98 -19.28
N ALA A 20 -6.84 -28.61 -20.52
CA ALA A 20 -7.28 -29.36 -21.71
C ALA A 20 -6.68 -30.76 -21.72
N LYS A 21 -5.43 -30.87 -21.26
CA LYS A 21 -4.76 -32.17 -21.12
C LYS A 21 -5.53 -33.06 -20.15
N ARG A 22 -5.94 -32.51 -19.02
CA ARG A 22 -6.67 -33.26 -18.03
C ARG A 22 -8.05 -33.64 -18.57
N LEU A 23 -8.67 -32.72 -19.30
CA LEU A 23 -9.95 -32.96 -19.96
C LEU A 23 -9.87 -34.07 -21.00
N SER A 24 -8.84 -33.99 -21.86
CA SER A 24 -8.61 -35.04 -22.83
C SER A 24 -8.55 -36.39 -22.14
N GLU A 25 -7.61 -36.53 -21.21
CA GLU A 25 -7.39 -37.76 -20.45
C GLU A 25 -8.67 -38.40 -19.91
N ALA A 26 -9.60 -37.58 -19.43
CA ALA A 26 -10.84 -38.09 -18.85
C ALA A 26 -11.81 -38.59 -19.93
N GLY A 27 -11.55 -38.18 -21.18
CA GLY A 27 -12.41 -38.55 -22.28
C GLY A 27 -12.95 -37.36 -23.06
N ILE A 28 -13.04 -36.20 -22.39
CA ILE A 28 -13.50 -34.96 -23.05
C ILE A 28 -12.43 -34.49 -24.02
N THR A 29 -12.52 -34.98 -25.25
CA THR A 29 -11.53 -34.68 -26.28
C THR A 29 -12.01 -33.63 -27.26
N ASP A 30 -13.31 -33.31 -27.19
CA ASP A 30 -13.89 -32.30 -28.07
C ASP A 30 -13.59 -30.91 -27.54
N LEU A 31 -12.33 -30.51 -27.66
CA LEU A 31 -11.83 -29.29 -27.07
C LEU A 31 -11.50 -28.32 -28.16
N LEU A 32 -11.64 -27.04 -27.87
CA LEU A 32 -11.17 -25.98 -28.74
C LEU A 32 -10.43 -24.98 -27.87
N ILE A 33 -9.12 -24.84 -28.11
CA ILE A 33 -8.29 -23.87 -27.38
C ILE A 33 -8.07 -22.64 -28.25
N LEU A 34 -8.67 -21.53 -27.84
CA LEU A 34 -8.50 -20.24 -28.53
C LEU A 34 -7.46 -19.43 -27.77
N GLU A 35 -6.36 -19.12 -28.45
CA GLU A 35 -5.24 -18.39 -27.85
C GLU A 35 -5.05 -17.04 -28.53
N ALA A 36 -5.07 -15.97 -27.74
CA ALA A 36 -4.99 -14.60 -28.26
C ALA A 36 -3.71 -14.30 -29.05
N THR A 37 -2.56 -14.72 -28.52
CA THR A 37 -1.28 -14.51 -29.20
C THR A 37 -1.04 -15.60 -30.25
N ASP A 38 0.13 -15.53 -30.90
CA ASP A 38 0.53 -16.48 -31.94
C ASP A 38 1.38 -17.63 -31.39
N HIS A 39 1.20 -17.95 -30.12
CA HIS A 39 1.99 -19.00 -29.47
C HIS A 39 1.36 -19.42 -28.15
N ILE A 40 1.54 -20.70 -27.81
CA ILE A 40 1.18 -21.21 -26.49
C ILE A 40 2.29 -20.85 -25.51
N GLY A 41 2.02 -20.90 -24.22
CA GLY A 41 3.03 -20.63 -23.19
C GLY A 41 2.65 -19.53 -22.22
N GLY A 42 1.96 -18.52 -22.74
CA GLY A 42 1.50 -17.38 -21.95
C GLY A 42 2.64 -16.66 -21.27
N ARG A 43 2.60 -16.61 -19.93
CA ARG A 43 3.62 -15.92 -19.16
C ARG A 43 4.85 -16.78 -18.94
N MET A 44 4.96 -17.85 -19.73
CA MET A 44 6.19 -18.59 -19.84
C MET A 44 6.73 -18.32 -21.24
N HIS A 45 7.55 -17.28 -21.37
CA HIS A 45 7.94 -16.79 -22.67
C HIS A 45 9.37 -16.28 -22.75
N LYS A 46 10.14 -16.85 -23.68
CA LYS A 46 11.53 -16.44 -23.91
C LYS A 46 11.59 -15.40 -25.01
N THR A 47 12.73 -14.70 -25.11
CA THR A 47 12.99 -13.78 -26.21
C THR A 47 14.49 -13.61 -26.45
N ASN A 48 14.83 -13.12 -27.63
CA ASN A 48 16.24 -12.92 -27.94
C ASN A 48 16.71 -11.55 -27.49
N PHE A 49 17.57 -11.54 -26.47
CA PHE A 49 18.23 -10.31 -26.06
C PHE A 49 19.72 -10.44 -26.30
N ALA A 50 20.23 -9.52 -27.13
CA ALA A 50 21.65 -9.50 -27.49
C ALA A 50 22.21 -10.91 -27.80
N GLY A 51 21.62 -11.55 -28.82
CA GLY A 51 22.09 -12.83 -29.32
C GLY A 51 21.93 -14.05 -28.40
N ILE A 52 21.34 -13.85 -27.23
CA ILE A 52 20.99 -15.01 -26.39
C ILE A 52 19.49 -15.02 -26.11
N ASN A 53 19.00 -16.16 -25.61
CA ASN A 53 17.62 -16.26 -25.21
C ASN A 53 17.49 -16.11 -23.72
N VAL A 54 16.67 -15.15 -23.32
CA VAL A 54 16.38 -14.89 -21.92
C VAL A 54 14.87 -14.93 -21.70
N GLU A 55 14.44 -15.12 -20.46
CA GLU A 55 13.01 -15.16 -20.14
C GLU A 55 12.44 -13.78 -19.87
N LEU A 56 11.32 -13.46 -20.52
CA LEU A 56 10.54 -12.26 -20.20
C LEU A 56 9.67 -12.44 -18.97
N GLY A 57 9.20 -13.67 -18.78
CA GLY A 57 8.30 -13.99 -17.69
C GLY A 57 8.95 -14.90 -16.67
N ALA A 58 8.26 -15.99 -16.34
CA ALA A 58 8.75 -16.94 -15.35
C ALA A 58 10.16 -17.34 -15.69
N ASN A 59 11.00 -17.44 -14.67
CA ASN A 59 12.42 -17.74 -14.85
C ASN A 59 12.94 -18.78 -13.86
N TRP A 60 12.15 -19.06 -12.84
CA TRP A 60 12.54 -20.00 -11.79
C TRP A 60 11.56 -21.16 -11.66
N VAL A 61 12.08 -22.30 -11.23
CA VAL A 61 11.23 -23.36 -10.68
C VAL A 61 11.33 -23.13 -9.17
N GLU A 62 10.28 -22.58 -8.58
CA GLU A 62 10.32 -22.18 -7.19
C GLU A 62 9.72 -23.19 -6.25
N GLY A 63 10.55 -23.68 -5.34
CA GLY A 63 10.17 -24.75 -4.43
C GLY A 63 10.74 -26.04 -4.95
N VAL A 64 11.96 -26.33 -4.52
CA VAL A 64 12.64 -27.57 -4.90
C VAL A 64 13.31 -28.13 -3.63
N ASN A 65 13.50 -29.45 -3.59
CA ASN A 65 14.22 -30.12 -2.49
C ASN A 65 13.45 -30.27 -1.17
N GLY A 66 12.13 -30.10 -1.22
CA GLY A 66 11.33 -30.11 0.01
C GLY A 66 10.73 -31.45 0.37
N GLY A 67 9.64 -31.39 1.12
CA GLY A 67 8.94 -32.59 1.56
C GLY A 67 8.04 -33.19 0.50
N LYS A 68 7.67 -32.40 -0.49
CA LYS A 68 6.80 -32.87 -1.57
C LYS A 68 7.42 -32.46 -2.89
N MET A 69 7.22 -33.29 -3.90
CA MET A 69 7.78 -33.04 -5.22
C MET A 69 6.99 -31.98 -5.98
N ASN A 70 7.66 -30.88 -6.31
CA ASN A 70 7.10 -29.85 -7.17
C ASN A 70 6.92 -30.40 -8.58
N PRO A 71 5.67 -30.50 -9.04
CA PRO A 71 5.34 -31.19 -10.29
C PRO A 71 6.11 -30.68 -11.51
N ILE A 72 6.55 -29.44 -11.47
CA ILE A 72 7.29 -28.89 -12.60
C ILE A 72 8.75 -29.35 -12.58
N TRP A 73 9.27 -29.62 -11.39
CA TRP A 73 10.69 -29.93 -11.26
C TRP A 73 11.16 -31.18 -12.02
N PRO A 74 10.42 -32.32 -11.88
CA PRO A 74 10.81 -33.48 -12.70
C PRO A 74 10.80 -33.17 -14.20
N ILE A 75 9.75 -32.51 -14.68
CA ILE A 75 9.66 -32.11 -16.09
C ILE A 75 10.89 -31.31 -16.51
N VAL A 76 11.30 -30.36 -15.67
CA VAL A 76 12.43 -29.46 -15.96
C VAL A 76 13.79 -30.18 -15.86
N ASN A 77 14.03 -30.83 -14.72
CA ASN A 77 15.34 -31.43 -14.46
C ASN A 77 15.60 -32.78 -15.12
N SER A 78 14.61 -33.67 -15.11
CA SER A 78 14.78 -35.05 -15.64
C SER A 78 14.26 -35.27 -17.06
N THR A 79 13.03 -34.84 -17.33
CA THR A 79 12.37 -35.10 -18.61
C THR A 79 12.97 -34.29 -19.74
N LEU A 80 13.00 -32.97 -19.58
CA LEU A 80 13.52 -32.13 -20.65
C LEU A 80 15.00 -31.84 -20.44
N LYS A 81 15.47 -32.13 -19.25
CA LYS A 81 16.82 -31.80 -18.87
C LYS A 81 17.12 -30.37 -19.32
N LEU A 82 16.25 -29.45 -18.90
CA LEU A 82 16.42 -28.03 -19.18
C LEU A 82 17.53 -27.45 -18.32
N ARG A 83 18.48 -26.78 -18.96
CA ARG A 83 19.60 -26.16 -18.25
C ARG A 83 19.11 -25.15 -17.19
N ASN A 84 19.54 -25.37 -15.95
CA ASN A 84 19.12 -24.57 -14.82
C ASN A 84 20.17 -24.56 -13.73
N PHE A 85 20.09 -23.60 -12.82
CA PHE A 85 21.06 -23.46 -11.74
C PHE A 85 20.39 -23.09 -10.44
N ARG A 86 20.81 -23.72 -9.35
CA ARG A 86 20.31 -23.36 -8.01
C ARG A 86 20.75 -21.94 -7.65
N SER A 87 19.81 -21.14 -7.17
CA SER A 87 20.14 -19.79 -6.74
C SER A 87 20.53 -19.79 -5.27
N ASP A 88 21.67 -19.18 -4.99
CA ASP A 88 22.21 -19.11 -3.64
C ASP A 88 22.19 -17.63 -3.22
N PHE A 89 21.65 -17.37 -2.04
CA PHE A 89 21.51 -16.00 -1.55
C PHE A 89 22.30 -15.77 -0.26
N ASP A 90 23.09 -16.77 0.12
CA ASP A 90 23.88 -16.74 1.35
C ASP A 90 24.91 -15.61 1.43
N TYR A 91 25.18 -14.95 0.31
CA TYR A 91 26.24 -13.93 0.29
C TYR A 91 25.75 -12.50 0.06
N LEU A 92 24.45 -12.26 0.16
CA LEU A 92 23.91 -10.91 -0.03
C LEU A 92 24.53 -9.89 0.91
N ALA A 93 24.87 -10.34 2.12
CA ALA A 93 25.50 -9.50 3.14
C ALA A 93 26.74 -8.79 2.62
N GLN A 94 27.51 -9.49 1.76
CA GLN A 94 28.72 -8.92 1.18
C GLN A 94 28.43 -8.06 -0.05
N ASN A 95 27.18 -8.04 -0.49
CA ASN A 95 26.87 -7.46 -1.79
C ASN A 95 25.83 -6.33 -1.82
N VAL A 96 25.66 -5.64 -0.69
CA VAL A 96 24.70 -4.54 -0.63
C VAL A 96 25.43 -3.21 -0.81
N TYR A 97 25.09 -2.52 -1.89
CA TYR A 97 25.77 -1.29 -2.28
C TYR A 97 25.19 -0.04 -1.65
N LYS A 98 26.08 0.86 -1.24
CA LYS A 98 25.71 2.15 -0.66
C LYS A 98 25.24 3.07 -1.76
N GLU A 99 24.16 3.80 -1.49
CA GLU A 99 23.56 4.73 -2.44
C GLU A 99 24.59 5.53 -3.20
N ASP A 100 25.66 5.89 -2.51
CA ASP A 100 26.76 6.61 -3.12
C ASP A 100 28.08 5.94 -2.83
N GLY A 101 28.59 5.17 -3.78
CA GLY A 101 29.90 4.57 -3.64
C GLY A 101 30.04 3.35 -2.74
N GLY A 102 30.28 2.20 -3.36
CA GLY A 102 30.76 0.99 -2.68
C GLY A 102 29.79 0.23 -1.80
N VAL A 103 30.25 -0.91 -1.27
CA VAL A 103 29.42 -1.77 -0.42
C VAL A 103 29.44 -1.36 1.05
N TYR A 104 28.47 -1.86 1.81
CA TYR A 104 28.43 -1.69 3.25
C TYR A 104 29.32 -2.73 3.91
N ASP A 105 29.69 -2.49 5.15
CA ASP A 105 30.44 -3.45 5.94
C ASP A 105 29.61 -4.72 6.06
N GLU A 106 30.09 -5.82 5.49
CA GLU A 106 29.35 -7.06 5.56
C GLU A 106 28.76 -7.33 6.93
N ASP A 107 29.59 -7.28 7.96
CA ASP A 107 29.11 -7.64 9.28
C ASP A 107 27.90 -6.82 9.70
N TYR A 108 27.82 -5.60 9.22
CA TYR A 108 26.67 -4.74 9.50
C TYR A 108 25.39 -5.22 8.81
N VAL A 109 25.47 -5.33 7.49
CA VAL A 109 24.38 -5.83 6.65
C VAL A 109 23.87 -7.18 7.15
N GLN A 110 24.79 -8.06 7.56
CA GLN A 110 24.40 -9.36 8.12
C GLN A 110 23.45 -9.22 9.32
N LYS A 111 23.75 -8.31 10.24
CA LYS A 111 22.89 -8.07 11.41
C LYS A 111 21.48 -7.78 10.93
N ARG A 112 21.36 -6.81 10.03
CA ARG A 112 20.08 -6.36 9.51
C ARG A 112 19.30 -7.50 8.85
N ILE A 113 19.98 -8.27 7.99
CA ILE A 113 19.38 -9.46 7.39
C ILE A 113 18.85 -10.41 8.48
N GLU A 114 19.72 -10.80 9.41
CA GLU A 114 19.32 -11.68 10.50
C GLU A 114 18.13 -11.15 11.27
N LEU A 115 18.15 -9.86 11.56
CA LEU A 115 17.05 -9.19 12.27
C LEU A 115 15.75 -9.29 11.48
N ALA A 116 15.85 -9.00 10.17
CA ALA A 116 14.72 -9.07 9.26
C ALA A 116 14.15 -10.48 9.25
N ASP A 117 15.04 -11.47 9.21
CA ASP A 117 14.64 -12.88 9.20
C ASP A 117 13.88 -13.28 10.46
N SER A 118 14.30 -12.75 11.60
CA SER A 118 13.69 -13.05 12.88
C SER A 118 12.30 -12.45 13.00
N VAL A 119 12.14 -11.22 12.55
CA VAL A 119 10.81 -10.58 12.48
C VAL A 119 9.85 -11.42 11.63
N GLU A 120 10.35 -11.97 10.53
CA GLU A 120 9.55 -12.81 9.66
C GLU A 120 9.26 -14.19 10.26
N GLU A 121 10.15 -14.65 11.12
CA GLU A 121 9.97 -15.93 11.78
C GLU A 121 8.84 -15.84 12.79
N MET A 122 8.72 -14.69 13.43
CA MET A 122 7.67 -14.41 14.39
C MET A 122 6.37 -14.17 13.67
N GLY A 123 6.48 -13.66 12.46
CA GLY A 123 5.35 -13.58 11.54
C GLY A 123 4.76 -14.96 11.33
N GLU A 124 5.61 -15.93 11.08
CA GLU A 124 5.17 -17.31 10.90
C GLU A 124 4.48 -17.79 12.15
N LYS A 125 5.08 -17.65 13.32
CA LYS A 125 4.40 -18.07 14.52
C LYS A 125 3.00 -17.46 14.63
N LEU A 126 2.91 -16.15 14.41
CA LEU A 126 1.64 -15.43 14.48
C LEU A 126 0.63 -15.94 13.46
N SER A 127 1.11 -16.12 12.23
CA SER A 127 0.29 -16.56 11.11
C SER A 127 -0.28 -17.93 11.36
N ALA A 128 0.49 -18.77 12.05
CA ALA A 128 0.09 -20.14 12.37
C ALA A 128 -1.03 -20.19 13.42
N THR A 129 -1.25 -19.07 14.11
CA THR A 129 -2.26 -19.03 15.16
C THR A 129 -3.55 -18.40 14.68
N LEU A 130 -3.51 -17.67 13.58
CA LEU A 130 -4.68 -16.97 13.05
C LEU A 130 -5.81 -17.92 12.63
N HIS A 131 -7.06 -17.55 12.92
CA HIS A 131 -8.24 -18.32 12.49
C HIS A 131 -8.35 -18.42 10.98
N ALA A 132 -8.76 -19.59 10.50
CA ALA A 132 -8.80 -19.90 9.07
C ALA A 132 -9.86 -19.08 8.32
N SER A 133 -10.80 -18.51 9.06
CA SER A 133 -11.79 -17.61 8.48
C SER A 133 -11.18 -16.27 8.01
N GLY A 134 -9.88 -16.10 8.25
CA GLY A 134 -9.19 -14.84 7.95
C GLY A 134 -9.61 -13.66 8.82
N ARG A 135 -10.47 -13.90 9.81
CA ARG A 135 -10.98 -12.82 10.63
C ARG A 135 -9.92 -11.94 11.29
N ASP A 136 -8.85 -12.57 11.75
CA ASP A 136 -7.80 -11.85 12.44
C ASP A 136 -6.50 -11.80 11.65
N ASP A 137 -6.63 -11.70 10.34
CA ASP A 137 -5.49 -11.56 9.44
C ASP A 137 -5.00 -10.10 9.44
N MET A 138 -3.80 -9.88 8.92
CA MET A 138 -3.20 -8.55 8.85
C MET A 138 -2.19 -8.50 7.73
N SER A 139 -1.70 -7.30 7.42
CA SER A 139 -0.67 -7.15 6.42
C SER A 139 0.68 -7.61 6.96
N ILE A 140 1.63 -7.92 6.08
CA ILE A 140 2.98 -8.28 6.52
C ILE A 140 3.61 -7.13 7.31
N LEU A 141 3.35 -5.89 6.87
CA LEU A 141 3.82 -4.69 7.58
C LEU A 141 3.27 -4.57 9.01
N ALA A 142 1.96 -4.70 9.19
CA ALA A 142 1.35 -4.67 10.51
C ALA A 142 2.07 -5.62 11.48
N MET A 143 2.38 -6.81 11.00
CA MET A 143 3.14 -7.75 11.79
C MET A 143 4.50 -7.14 12.06
N GLN A 144 5.19 -6.69 11.03
CA GLN A 144 6.53 -6.10 11.20
C GLN A 144 6.52 -5.02 12.27
N ARG A 145 5.48 -4.19 12.26
CA ARG A 145 5.32 -3.10 13.21
C ARG A 145 5.16 -3.65 14.62
N LEU A 146 4.31 -4.68 14.72
CA LEU A 146 4.04 -5.39 15.97
C LEU A 146 5.33 -5.87 16.66
N ASN A 147 6.19 -6.55 15.92
CA ASN A 147 7.46 -7.02 16.45
C ASN A 147 8.46 -5.89 16.72
N GLU A 148 8.65 -5.01 15.75
CA GLU A 148 9.65 -3.94 15.83
C GLU A 148 9.23 -2.77 16.72
N HIS A 149 8.02 -2.85 17.30
CA HIS A 149 7.44 -1.78 18.15
C HIS A 149 7.57 -0.37 17.57
N GLN A 150 7.12 -0.18 16.34
CA GLN A 150 7.23 1.12 15.69
C GLN A 150 5.99 1.39 14.87
N PRO A 151 5.70 2.65 14.62
CA PRO A 151 4.60 3.02 13.73
C PRO A 151 4.86 2.65 12.26
N ASN A 152 6.02 2.07 11.97
CA ASN A 152 6.43 1.86 10.59
C ASN A 152 7.27 0.61 10.42
N GLY A 153 7.36 0.12 9.18
CA GLY A 153 8.24 -1.01 8.84
C GLY A 153 9.61 -0.49 8.48
N PRO A 154 10.48 -1.36 7.92
CA PRO A 154 11.86 -0.97 7.56
C PRO A 154 11.91 0.38 6.83
N ALA A 155 12.57 1.37 7.44
CA ALA A 155 12.51 2.75 6.94
C ALA A 155 13.84 3.31 6.41
N THR A 156 14.93 2.58 6.63
CA THR A 156 16.26 3.07 6.25
C THR A 156 16.77 2.30 5.02
N PRO A 157 17.55 2.97 4.15
CA PRO A 157 18.08 2.41 2.91
C PRO A 157 18.48 0.93 2.93
N VAL A 158 19.32 0.52 3.89
CA VAL A 158 19.73 -0.88 3.99
C VAL A 158 18.55 -1.80 4.33
N ASP A 159 17.89 -1.48 5.44
CA ASP A 159 16.70 -2.21 5.88
C ASP A 159 15.64 -2.42 4.80
N MET A 160 15.36 -1.37 4.03
CA MET A 160 14.33 -1.40 3.01
C MET A 160 14.68 -2.31 1.86
N VAL A 161 15.90 -2.16 1.32
CA VAL A 161 16.32 -3.01 0.20
C VAL A 161 16.36 -4.48 0.65
N VAL A 162 16.68 -4.71 1.92
CA VAL A 162 16.61 -6.04 2.51
C VAL A 162 15.14 -6.46 2.55
N ASP A 163 14.30 -5.53 2.99
CA ASP A 163 12.85 -5.77 3.08
C ASP A 163 12.31 -6.02 1.69
N TYR A 164 12.66 -5.14 0.75
CA TYR A 164 12.28 -5.31 -0.65
C TYR A 164 12.67 -6.70 -1.17
N TYR A 165 13.93 -7.09 -0.95
CA TYR A 165 14.43 -8.38 -1.42
C TYR A 165 13.66 -9.56 -0.80
N LYS A 166 13.35 -9.46 0.48
CA LYS A 166 12.64 -10.51 1.18
C LYS A 166 11.20 -10.71 0.68
N PHE A 167 10.52 -9.61 0.38
CA PHE A 167 9.08 -9.64 0.05
C PHE A 167 8.71 -9.16 -1.33
N ASP A 168 8.93 -7.88 -1.61
CA ASP A 168 8.61 -7.29 -2.91
C ASP A 168 9.18 -8.13 -4.05
N TYR A 169 10.46 -8.48 -3.94
CA TYR A 169 11.17 -9.30 -4.92
C TYR A 169 10.55 -10.70 -5.14
N GLU A 170 9.67 -11.11 -4.24
CA GLU A 170 8.97 -12.40 -4.33
C GLU A 170 7.51 -12.24 -4.75
N PHE A 171 6.83 -11.23 -4.20
CA PHE A 171 5.40 -11.05 -4.42
C PHE A 171 5.03 -9.87 -5.30
N ALA A 172 6.03 -9.06 -5.67
CA ALA A 172 5.88 -7.92 -6.60
C ALA A 172 4.99 -6.76 -6.11
N GLU A 173 4.79 -6.72 -4.79
CA GLU A 173 4.06 -5.66 -4.10
C GLU A 173 4.67 -5.47 -2.71
N PRO A 174 4.53 -4.27 -2.13
CA PRO A 174 5.07 -4.13 -0.77
C PRO A 174 4.35 -5.01 0.28
N PRO A 175 5.07 -5.39 1.35
CA PRO A 175 4.50 -6.05 2.49
C PRO A 175 3.19 -5.44 2.97
N ARG A 176 3.06 -4.12 2.86
CA ARG A 176 1.91 -3.45 3.44
C ARG A 176 0.57 -3.70 2.73
N VAL A 177 0.61 -4.34 1.57
CA VAL A 177 -0.63 -4.65 0.88
C VAL A 177 -0.87 -6.15 0.92
N THR A 178 0.14 -6.89 1.36
CA THR A 178 0.15 -8.35 1.30
C THR A 178 -0.41 -8.96 2.58
N SER A 179 -1.19 -10.03 2.42
CA SER A 179 -1.72 -10.78 3.56
C SER A 179 -0.65 -11.58 4.27
N LEU A 180 -0.53 -11.39 5.59
CA LEU A 180 0.39 -12.18 6.41
C LEU A 180 0.00 -13.65 6.36
N GLN A 181 -1.30 -13.90 6.56
CA GLN A 181 -1.80 -15.25 6.69
C GLN A 181 -1.71 -16.07 5.42
N ASN A 182 -1.37 -15.45 4.30
CA ASN A 182 -1.30 -16.17 3.03
C ASN A 182 0.02 -15.99 2.28
N THR A 183 1.07 -15.58 2.99
CA THR A 183 2.38 -15.52 2.37
C THR A 183 3.46 -15.90 3.36
N VAL A 184 3.16 -15.74 4.66
CA VAL A 184 4.14 -16.01 5.71
C VAL A 184 3.61 -17.07 6.68
N PRO A 185 4.03 -18.33 6.51
CA PRO A 185 4.93 -18.85 5.48
C PRO A 185 4.19 -19.12 4.18
N LEU A 186 4.89 -19.62 3.17
CA LEU A 186 4.34 -19.79 1.83
C LEU A 186 4.37 -21.26 1.40
N ALA A 187 3.19 -21.83 1.18
CA ALA A 187 3.08 -23.24 0.81
C ALA A 187 4.03 -23.67 -0.31
N THR A 188 4.23 -22.84 -1.31
CA THR A 188 5.19 -23.12 -2.37
C THR A 188 6.53 -23.60 -1.77
N PHE A 189 7.02 -22.88 -0.75
CA PHE A 189 8.25 -23.25 -0.08
C PHE A 189 8.06 -24.24 1.07
N SER A 190 6.95 -24.12 1.80
CA SER A 190 6.62 -25.03 2.88
C SER A 190 6.51 -26.45 2.38
N ASP A 191 5.99 -26.62 1.16
CA ASP A 191 5.69 -27.94 0.63
C ASP A 191 6.79 -28.46 -0.28
N PHE A 192 7.28 -27.62 -1.19
CA PHE A 192 8.22 -28.08 -2.20
C PHE A 192 9.69 -27.76 -1.92
N GLY A 193 9.95 -27.08 -0.79
CA GLY A 193 11.32 -26.75 -0.39
C GLY A 193 11.64 -25.28 -0.54
N ASP A 194 12.72 -24.82 0.07
CA ASP A 194 13.07 -23.40 0.00
C ASP A 194 13.91 -23.04 -1.24
N ASP A 195 14.39 -24.04 -1.97
CA ASP A 195 15.24 -23.80 -3.13
C ASP A 195 14.49 -23.33 -4.36
N VAL A 196 15.10 -22.37 -5.06
CA VAL A 196 14.60 -21.92 -6.34
C VAL A 196 15.72 -22.16 -7.36
N TYR A 197 15.33 -22.52 -8.58
CA TYR A 197 16.26 -22.91 -9.64
C TYR A 197 16.07 -22.08 -10.90
N PHE A 198 17.12 -21.37 -11.31
CA PHE A 198 17.07 -20.46 -12.45
C PHE A 198 17.23 -21.20 -13.76
N VAL A 199 16.14 -21.30 -14.51
CA VAL A 199 16.15 -21.95 -15.82
C VAL A 199 16.83 -21.05 -16.83
N ALA A 200 17.98 -21.50 -17.33
CA ALA A 200 18.73 -20.79 -18.36
C ALA A 200 19.06 -21.77 -19.46
N ASP A 201 18.03 -22.11 -20.24
CA ASP A 201 18.14 -23.11 -21.30
C ASP A 201 17.60 -22.52 -22.59
N GLN A 202 18.38 -22.62 -23.66
CA GLN A 202 18.05 -21.89 -24.89
C GLN A 202 16.71 -22.29 -25.52
N ARG A 203 16.14 -23.41 -25.07
CA ARG A 203 14.82 -23.87 -25.52
C ARG A 203 13.68 -23.06 -24.94
N GLY A 204 13.94 -22.38 -23.83
CA GLY A 204 12.91 -21.63 -23.12
C GLY A 204 12.32 -22.47 -22.02
N TYR A 205 11.88 -21.81 -20.96
CA TYR A 205 11.19 -22.44 -19.85
C TYR A 205 9.81 -22.89 -20.38
N GLU A 206 9.36 -22.23 -21.46
CA GLU A 206 8.13 -22.58 -22.17
C GLU A 206 8.11 -24.01 -22.68
N ALA A 207 9.28 -24.60 -22.87
CA ALA A 207 9.40 -25.99 -23.29
C ALA A 207 8.57 -26.93 -22.42
N VAL A 208 8.40 -26.59 -21.15
CA VAL A 208 7.51 -27.37 -20.27
C VAL A 208 6.09 -27.35 -20.83
N VAL A 209 5.58 -26.17 -21.18
CA VAL A 209 4.21 -26.04 -21.71
C VAL A 209 4.07 -26.84 -23.00
N TYR A 210 5.05 -26.69 -23.89
CA TYR A 210 5.10 -27.43 -25.14
C TYR A 210 5.11 -28.93 -24.92
N TYR A 211 5.95 -29.36 -24.00
CA TYR A 211 6.03 -30.76 -23.66
C TYR A 211 4.66 -31.31 -23.32
N LEU A 212 3.99 -30.66 -22.35
CA LEU A 212 2.64 -31.03 -21.93
C LEU A 212 1.64 -31.01 -23.10
N ALA A 213 1.72 -29.96 -23.91
CA ALA A 213 0.82 -29.77 -25.05
C ALA A 213 0.92 -30.90 -26.09
N GLY A 214 2.12 -31.44 -26.26
CA GLY A 214 2.35 -32.53 -27.22
C GLY A 214 2.21 -33.89 -26.56
N GLN A 215 1.16 -34.04 -25.78
CA GLN A 215 0.85 -35.30 -25.15
C GLN A 215 -0.61 -35.59 -25.41
N TYR A 216 -1.28 -34.61 -26.02
CA TYR A 216 -2.64 -34.79 -26.43
C TYR A 216 -2.92 -34.06 -27.74
N LEU A 217 -2.18 -32.98 -28.02
CA LEU A 217 -2.34 -32.28 -29.30
C LEU A 217 -1.46 -32.84 -30.42
N LYS A 218 -2.05 -33.09 -31.57
CA LYS A 218 -1.36 -33.67 -32.71
C LYS A 218 -0.23 -32.80 -33.21
N THR A 219 0.97 -33.36 -33.28
CA THR A 219 2.14 -32.60 -33.75
C THR A 219 2.66 -33.16 -35.07
N ASP A 220 3.30 -32.30 -35.86
CA ASP A 220 3.91 -32.74 -37.13
C ASP A 220 5.09 -33.69 -36.92
N ASP A 221 4.94 -34.93 -37.42
CA ASP A 221 5.98 -35.97 -37.35
C ASP A 221 7.37 -35.49 -37.74
N LYS A 222 7.44 -34.56 -38.69
CA LYS A 222 8.71 -34.02 -39.16
C LYS A 222 9.27 -32.85 -38.35
N SER A 223 8.54 -31.74 -38.27
CA SER A 223 9.05 -30.55 -37.58
C SER A 223 8.86 -30.59 -36.08
N GLY A 224 7.72 -31.10 -35.62
CA GLY A 224 7.44 -31.14 -34.19
C GLY A 224 6.37 -30.15 -33.78
N LYS A 225 6.10 -29.17 -34.67
CA LYS A 225 5.08 -28.13 -34.43
C LYS A 225 3.70 -28.73 -34.20
N ILE A 226 2.98 -28.23 -33.20
CA ILE A 226 1.61 -28.68 -32.94
C ILE A 226 0.76 -28.36 -34.16
N VAL A 227 0.10 -29.38 -34.69
CA VAL A 227 -0.72 -29.23 -35.89
C VAL A 227 -2.20 -29.47 -35.62
N ASP A 228 -2.54 -29.68 -34.35
CA ASP A 228 -3.89 -30.03 -33.98
C ASP A 228 -4.84 -28.89 -34.31
N PRO A 229 -5.89 -29.16 -35.11
CA PRO A 229 -6.87 -28.12 -35.45
C PRO A 229 -7.62 -27.59 -34.22
N ARG A 230 -7.48 -28.30 -33.10
CA ARG A 230 -8.18 -27.94 -31.88
C ARG A 230 -7.57 -26.72 -31.16
N LEU A 231 -6.30 -26.45 -31.45
CA LEU A 231 -5.64 -25.25 -30.94
C LEU A 231 -5.61 -24.16 -32.01
N GLN A 232 -6.20 -23.02 -31.70
CA GLN A 232 -6.26 -21.89 -32.62
C GLN A 232 -5.55 -20.67 -32.05
N LEU A 233 -4.44 -20.30 -32.66
CA LEU A 233 -3.71 -19.11 -32.24
C LEU A 233 -4.27 -17.87 -32.92
N ASN A 234 -3.91 -16.71 -32.36
CA ASN A 234 -4.39 -15.42 -32.82
C ASN A 234 -5.91 -15.27 -32.74
N LYS A 235 -6.50 -16.04 -31.82
CA LYS A 235 -7.92 -16.00 -31.53
C LYS A 235 -8.19 -15.29 -30.18
N VAL A 236 -8.70 -14.07 -30.28
CA VAL A 236 -8.87 -13.21 -29.12
C VAL A 236 -10.34 -13.20 -28.68
N VAL A 237 -10.65 -14.00 -27.66
CA VAL A 237 -11.98 -14.06 -27.07
C VAL A 237 -12.38 -12.69 -26.56
N ARG A 238 -13.52 -12.20 -27.03
CA ARG A 238 -13.98 -10.86 -26.67
C ARG A 238 -15.31 -10.88 -25.94
N GLU A 239 -16.03 -11.97 -26.08
CA GLU A 239 -17.34 -12.10 -25.44
C GLU A 239 -17.70 -13.55 -25.14
N ILE A 240 -18.16 -13.77 -23.92
CA ILE A 240 -18.67 -15.06 -23.49
C ILE A 240 -20.14 -14.88 -23.15
N LYS A 241 -20.97 -15.66 -23.82
CA LYS A 241 -22.41 -15.68 -23.58
C LYS A 241 -22.71 -17.03 -22.94
N TYR A 242 -23.31 -17.01 -21.76
CA TYR A 242 -23.61 -18.24 -21.04
C TYR A 242 -25.05 -18.26 -20.55
N SER A 243 -25.68 -19.41 -20.75
CA SER A 243 -27.05 -19.66 -20.37
C SER A 243 -27.19 -21.13 -19.91
N PRO A 244 -28.21 -21.44 -19.08
CA PRO A 244 -28.54 -22.83 -18.74
C PRO A 244 -28.32 -23.84 -19.87
N GLY A 245 -28.73 -23.46 -21.09
CA GLY A 245 -28.59 -24.33 -22.27
C GLY A 245 -27.17 -24.63 -22.73
N GLY A 246 -26.31 -23.62 -22.75
CA GLY A 246 -24.95 -23.77 -23.28
C GLY A 246 -24.18 -22.46 -23.28
N VAL A 247 -23.03 -22.46 -23.96
CA VAL A 247 -22.23 -21.25 -24.05
C VAL A 247 -21.91 -20.84 -25.49
N THR A 248 -21.89 -19.53 -25.70
CA THR A 248 -21.38 -18.89 -26.90
C THR A 248 -20.03 -18.26 -26.56
N VAL A 249 -19.06 -18.43 -27.44
CA VAL A 249 -17.78 -17.73 -27.32
C VAL A 249 -17.53 -16.98 -28.62
N LYS A 250 -17.56 -15.64 -28.56
CA LYS A 250 -17.22 -14.81 -29.71
C LYS A 250 -15.79 -14.31 -29.60
N THR A 251 -15.07 -14.36 -30.73
CA THR A 251 -13.70 -13.85 -30.81
C THR A 251 -13.66 -12.53 -31.57
N GLU A 252 -12.48 -11.91 -31.63
CA GLU A 252 -12.31 -10.56 -32.15
C GLU A 252 -12.45 -10.47 -33.65
N ASP A 253 -12.28 -11.60 -34.34
CA ASP A 253 -12.40 -11.64 -35.80
C ASP A 253 -13.82 -12.00 -36.22
N ASN A 254 -14.75 -11.89 -35.28
CA ASN A 254 -16.16 -12.17 -35.47
C ASN A 254 -16.63 -13.63 -35.49
N SER A 255 -15.72 -14.58 -35.37
CA SER A 255 -16.12 -15.98 -35.17
C SER A 255 -16.94 -16.11 -33.89
N VAL A 256 -18.01 -16.90 -33.96
CA VAL A 256 -18.80 -17.21 -32.77
C VAL A 256 -18.90 -18.74 -32.62
N TYR A 257 -18.55 -19.24 -31.44
CA TYR A 257 -18.48 -20.68 -31.18
C TYR A 257 -19.48 -21.12 -30.13
N SER A 258 -20.02 -22.32 -30.31
CA SER A 258 -20.90 -22.95 -29.33
C SER A 258 -20.16 -24.08 -28.66
N ALA A 259 -20.52 -24.32 -27.41
CA ALA A 259 -19.99 -25.45 -26.64
C ALA A 259 -20.86 -25.64 -25.41
N ASP A 260 -20.66 -26.76 -24.73
CA ASP A 260 -21.40 -27.04 -23.49
C ASP A 260 -20.78 -26.28 -22.33
N TYR A 261 -19.46 -26.15 -22.34
CA TYR A 261 -18.74 -25.43 -21.29
C TYR A 261 -17.60 -24.57 -21.83
N VAL A 262 -17.25 -23.52 -21.08
CA VAL A 262 -16.06 -22.71 -21.36
C VAL A 262 -15.12 -22.68 -20.13
N MET A 263 -13.82 -22.88 -20.41
CA MET A 263 -12.76 -22.82 -19.41
C MET A 263 -11.92 -21.57 -19.68
N VAL A 264 -11.99 -20.59 -18.77
CA VAL A 264 -11.29 -19.31 -18.95
C VAL A 264 -9.93 -19.34 -18.22
N SER A 265 -8.83 -19.27 -18.97
CA SER A 265 -7.50 -19.34 -18.36
C SER A 265 -6.73 -18.02 -18.44
N ALA A 266 -7.40 -16.96 -18.87
CA ALA A 266 -6.82 -15.62 -18.90
C ALA A 266 -6.49 -15.13 -17.49
N SER A 267 -5.43 -14.35 -17.36
CA SER A 267 -4.96 -13.84 -16.08
C SER A 267 -6.01 -13.01 -15.34
N LEU A 268 -5.78 -12.80 -14.04
CA LEU A 268 -6.63 -11.96 -13.21
C LEU A 268 -6.76 -10.54 -13.79
N GLY A 269 -5.67 -10.03 -14.35
CA GLY A 269 -5.64 -8.70 -14.97
C GLY A 269 -6.53 -8.58 -16.20
N VAL A 270 -6.50 -9.61 -17.05
CA VAL A 270 -7.41 -9.69 -18.20
C VAL A 270 -8.85 -9.69 -17.73
N LEU A 271 -9.16 -10.52 -16.74
CA LEU A 271 -10.50 -10.57 -16.16
C LEU A 271 -10.86 -9.22 -15.59
N GLN A 272 -9.87 -8.54 -15.01
CA GLN A 272 -10.09 -7.22 -14.45
C GLN A 272 -10.31 -6.15 -15.52
N SER A 273 -9.76 -6.35 -16.71
CA SER A 273 -9.94 -5.41 -17.84
C SER A 273 -11.30 -5.56 -18.50
N ASP A 274 -11.49 -4.94 -19.67
CA ASP A 274 -12.71 -5.12 -20.43
C ASP A 274 -12.54 -6.00 -21.66
N LEU A 275 -11.45 -6.76 -21.69
CA LEU A 275 -11.13 -7.59 -22.84
C LEU A 275 -12.20 -8.64 -23.10
N ILE A 276 -12.58 -9.39 -22.06
CA ILE A 276 -13.63 -10.41 -22.21
C ILE A 276 -14.92 -9.92 -21.57
N GLN A 277 -15.93 -9.70 -22.39
CA GLN A 277 -17.23 -9.28 -21.91
C GLN A 277 -18.08 -10.52 -21.64
N PHE A 278 -18.76 -10.54 -20.49
CA PHE A 278 -19.63 -11.67 -20.13
C PHE A 278 -21.09 -11.27 -20.23
N LYS A 279 -21.86 -12.00 -21.05
CA LYS A 279 -23.29 -11.76 -21.19
C LYS A 279 -24.02 -13.03 -20.77
N PRO A 280 -24.81 -12.95 -19.70
CA PRO A 280 -25.07 -11.77 -18.88
C PRO A 280 -23.86 -11.42 -17.99
N LYS A 281 -23.89 -10.25 -17.37
CA LYS A 281 -22.84 -9.83 -16.44
C LYS A 281 -22.70 -10.84 -15.31
N LEU A 282 -21.44 -11.12 -14.93
CA LEU A 282 -21.11 -12.05 -13.85
C LEU A 282 -21.66 -11.52 -12.55
N PRO A 283 -22.16 -12.41 -11.68
CA PRO A 283 -22.75 -12.00 -10.41
C PRO A 283 -21.83 -11.11 -9.57
N THR A 284 -22.42 -10.21 -8.79
CA THR A 284 -21.69 -9.29 -7.92
C THR A 284 -20.63 -10.01 -7.11
N TRP A 285 -21.04 -11.06 -6.40
CA TRP A 285 -20.10 -11.79 -5.56
C TRP A 285 -18.79 -12.11 -6.31
N LYS A 286 -18.93 -12.59 -7.55
CA LYS A 286 -17.80 -12.93 -8.42
C LYS A 286 -17.00 -11.70 -8.85
N VAL A 287 -17.70 -10.63 -9.24
CA VAL A 287 -17.07 -9.37 -9.62
C VAL A 287 -16.23 -8.77 -8.49
N ARG A 288 -16.79 -8.77 -7.28
CA ARG A 288 -16.08 -8.23 -6.13
C ARG A 288 -14.84 -9.04 -5.77
N ALA A 289 -14.91 -10.35 -6.01
CA ALA A 289 -13.77 -11.24 -5.82
C ALA A 289 -12.69 -10.92 -6.86
N ILE A 290 -13.12 -10.71 -8.10
CA ILE A 290 -12.20 -10.37 -9.20
C ILE A 290 -11.43 -9.08 -8.92
N TYR A 291 -12.11 -8.07 -8.38
CA TYR A 291 -11.50 -6.75 -8.24
C TYR A 291 -10.81 -6.48 -6.93
N GLN A 292 -10.97 -7.41 -5.99
CA GLN A 292 -10.31 -7.30 -4.69
C GLN A 292 -8.96 -7.98 -4.67
N PHE A 293 -8.75 -8.93 -5.57
CA PHE A 293 -7.46 -9.59 -5.66
C PHE A 293 -6.49 -8.75 -6.48
N ASP A 294 -5.20 -8.95 -6.27
CA ASP A 294 -4.16 -8.13 -6.90
C ASP A 294 -3.49 -8.83 -8.06
N MET A 295 -3.37 -8.12 -9.18
CA MET A 295 -2.60 -8.58 -10.33
C MET A 295 -1.33 -7.76 -10.39
N ALA A 296 -0.27 -8.27 -9.75
CA ALA A 296 0.99 -7.53 -9.58
C ALA A 296 1.87 -7.47 -10.85
N VAL A 297 2.84 -6.55 -10.87
CA VAL A 297 3.75 -6.42 -12.02
C VAL A 297 5.21 -6.55 -11.58
N TYR A 298 5.92 -7.47 -12.20
CA TYR A 298 7.32 -7.78 -11.86
C TYR A 298 8.11 -7.57 -13.15
N THR A 299 8.92 -6.51 -13.20
CA THR A 299 9.63 -6.16 -14.43
C THR A 299 11.11 -6.52 -14.45
N MET A 300 11.47 -7.42 -15.37
CA MET A 300 12.82 -7.91 -15.53
C MET A 300 13.62 -7.14 -16.59
N ILE A 301 14.15 -5.98 -16.20
CA ILE A 301 14.98 -5.15 -17.08
C ILE A 301 16.34 -5.79 -17.34
N PHE A 302 16.61 -6.04 -18.62
CA PHE A 302 17.87 -6.61 -19.08
C PHE A 302 18.75 -5.53 -19.72
N LEU A 303 20.06 -5.63 -19.50
CA LEU A 303 21.03 -4.67 -20.02
C LEU A 303 22.25 -5.41 -20.56
N LYS A 304 22.77 -4.95 -21.70
CA LYS A 304 24.07 -5.47 -22.21
C LYS A 304 25.15 -4.38 -22.30
N PHE A 305 26.39 -4.79 -22.04
CA PHE A 305 27.50 -3.85 -21.85
C PHE A 305 28.72 -4.21 -22.70
N PRO A 306 29.47 -3.18 -23.16
CA PRO A 306 30.71 -3.39 -23.91
C PRO A 306 31.71 -4.29 -23.19
N ARG A 307 31.79 -4.18 -21.86
CA ARG A 307 32.69 -4.99 -21.03
C ARG A 307 32.08 -5.26 -19.64
N LYS A 308 32.73 -6.10 -18.84
CA LYS A 308 32.20 -6.44 -17.52
C LYS A 308 32.84 -5.64 -16.36
N PHE A 309 32.12 -4.64 -15.85
CA PHE A 309 32.62 -3.75 -14.77
C PHE A 309 32.20 -4.16 -13.35
N TRP A 310 31.47 -5.27 -13.22
CA TRP A 310 30.92 -5.72 -11.95
C TRP A 310 31.66 -6.96 -11.43
N PRO A 311 31.70 -7.13 -10.10
CA PRO A 311 32.38 -8.28 -9.53
C PRO A 311 31.74 -9.62 -9.88
N GLU A 312 32.58 -10.60 -10.19
CA GLU A 312 32.15 -11.96 -10.47
C GLU A 312 32.89 -12.93 -9.55
N GLY A 313 32.31 -14.11 -9.33
CA GLY A 313 32.89 -15.10 -8.45
C GLY A 313 31.92 -15.53 -7.37
N LYS A 314 32.43 -16.26 -6.38
CA LYS A 314 31.64 -16.78 -5.25
C LYS A 314 30.73 -15.71 -4.66
N GLY A 315 29.46 -16.07 -4.46
CA GLY A 315 28.44 -15.14 -3.96
C GLY A 315 28.42 -13.75 -4.60
N ARG A 316 28.48 -13.69 -5.93
CA ARG A 316 28.47 -12.41 -6.64
C ARG A 316 27.27 -12.26 -7.59
N GLU A 317 26.45 -13.31 -7.67
CA GLU A 317 25.32 -13.38 -8.60
C GLU A 317 24.25 -12.34 -8.31
N PHE A 318 23.90 -12.22 -7.03
CA PHE A 318 22.87 -11.29 -6.60
C PHE A 318 23.49 -10.15 -5.80
N PHE A 319 23.20 -8.93 -6.21
CA PHE A 319 23.61 -7.78 -5.40
C PHE A 319 22.51 -6.74 -5.28
N LEU A 320 22.46 -6.08 -4.12
CA LEU A 320 21.44 -5.08 -3.81
C LEU A 320 21.99 -3.65 -3.89
N TYR A 321 21.09 -2.71 -4.18
CA TYR A 321 21.39 -1.29 -4.19
C TYR A 321 20.50 -0.56 -3.21
N ALA A 322 21.06 -0.24 -2.04
CA ALA A 322 20.28 0.34 -0.95
C ALA A 322 19.99 1.82 -1.17
N SER A 323 19.16 2.09 -2.17
CA SER A 323 18.65 3.44 -2.44
C SER A 323 17.80 3.97 -1.27
N SER A 324 17.80 5.28 -1.12
CA SER A 324 16.98 5.93 -0.11
C SER A 324 15.55 6.11 -0.62
N ARG A 325 15.35 5.81 -1.90
CA ARG A 325 14.05 5.84 -2.52
C ARG A 325 13.62 4.41 -2.72
N ARG A 326 12.91 3.86 -1.73
CA ARG A 326 12.54 2.44 -1.66
C ARG A 326 12.13 1.85 -2.99
N GLY A 327 12.66 0.69 -3.33
CA GLY A 327 12.29 0.01 -4.57
C GLY A 327 12.86 0.58 -5.86
N TYR A 328 13.82 1.49 -5.74
CA TYR A 328 14.48 2.12 -6.89
C TYR A 328 15.67 1.27 -7.34
N TYR A 329 15.55 0.67 -8.53
CA TYR A 329 16.55 -0.25 -9.12
C TYR A 329 17.37 -1.12 -8.17
N GLY A 330 16.69 -1.80 -7.25
CA GLY A 330 17.32 -2.39 -6.07
C GLY A 330 17.92 -3.78 -6.15
N VAL A 331 17.35 -4.66 -6.95
CA VAL A 331 17.79 -6.05 -6.93
C VAL A 331 18.47 -6.40 -8.25
N TRP A 332 19.74 -6.82 -8.16
CA TRP A 332 20.57 -7.03 -9.34
C TRP A 332 21.07 -8.45 -9.47
N GLN A 333 21.16 -8.92 -10.71
CA GLN A 333 21.65 -10.25 -10.98
C GLN A 333 22.62 -10.28 -12.16
N GLU A 334 23.82 -10.81 -11.92
CA GLU A 334 24.80 -11.01 -12.98
C GLU A 334 24.88 -12.47 -13.37
N PHE A 335 25.13 -12.74 -14.65
CA PHE A 335 24.96 -14.09 -15.19
C PHE A 335 26.25 -14.79 -15.62
N GLU A 336 27.29 -14.67 -14.81
CA GLU A 336 28.55 -15.35 -15.10
C GLU A 336 28.32 -16.85 -15.39
N LYS A 337 27.54 -17.52 -14.53
CA LYS A 337 27.21 -18.94 -14.73
C LYS A 337 26.27 -19.16 -15.90
N GLN A 338 25.12 -18.50 -15.84
CA GLN A 338 24.01 -18.75 -16.77
C GLN A 338 24.35 -18.42 -18.21
N TYR A 339 24.90 -17.22 -18.44
CA TYR A 339 25.29 -16.81 -19.79
C TYR A 339 26.73 -16.33 -19.82
N PRO A 340 27.70 -17.26 -19.65
CA PRO A 340 29.11 -16.88 -19.52
C PRO A 340 29.51 -16.01 -20.69
N ASP A 341 30.39 -15.05 -20.44
CA ASP A 341 30.81 -14.11 -21.48
C ASP A 341 29.60 -13.57 -22.23
N ALA A 342 28.64 -12.94 -21.52
CA ALA A 342 27.48 -12.31 -22.15
C ALA A 342 27.53 -10.81 -21.96
N ASN A 343 27.94 -10.38 -20.76
CA ASN A 343 27.94 -8.97 -20.36
C ASN A 343 26.54 -8.41 -20.15
N VAL A 344 25.66 -9.26 -19.65
CA VAL A 344 24.30 -8.85 -19.37
C VAL A 344 24.06 -8.80 -17.86
N LEU A 345 23.53 -7.68 -17.38
CA LEU A 345 23.04 -7.56 -16.01
C LEU A 345 21.52 -7.58 -16.03
N LEU A 346 20.91 -7.95 -14.91
CA LEU A 346 19.44 -7.93 -14.75
C LEU A 346 19.01 -7.19 -13.50
N VAL A 347 18.35 -6.05 -13.69
CA VAL A 347 17.70 -5.38 -12.56
C VAL A 347 16.19 -5.60 -12.59
N THR A 348 15.66 -5.88 -11.41
CA THR A 348 14.24 -6.14 -11.22
C THR A 348 13.62 -4.96 -10.50
N VAL A 349 12.49 -4.50 -11.02
CA VAL A 349 11.63 -3.55 -10.33
C VAL A 349 10.24 -4.18 -10.34
N THR A 350 9.40 -3.72 -9.43
CA THR A 350 8.03 -4.22 -9.35
C THR A 350 7.03 -3.07 -9.23
N ASP A 351 5.75 -3.43 -9.14
CA ASP A 351 4.69 -2.57 -8.65
C ASP A 351 4.75 -1.11 -9.17
N GLU A 352 4.72 -0.14 -8.24
CA GLU A 352 4.64 1.28 -8.56
C GLU A 352 5.70 1.72 -9.58
N GLU A 353 6.92 1.23 -9.39
CA GLU A 353 8.05 1.55 -10.28
C GLU A 353 7.90 0.93 -11.66
N SER A 354 7.38 -0.30 -11.71
CA SER A 354 7.10 -1.00 -12.97
C SER A 354 6.20 -0.15 -13.84
N ARG A 355 5.11 0.34 -13.24
CA ARG A 355 4.13 1.13 -13.98
C ARG A 355 4.73 2.38 -14.59
N ARG A 356 5.54 3.11 -13.81
CA ARG A 356 6.30 4.24 -14.34
C ARG A 356 7.20 3.81 -15.50
N ILE A 357 8.12 2.89 -15.21
CA ILE A 357 9.14 2.46 -16.16
C ILE A 357 8.56 1.96 -17.49
N GLU A 358 7.52 1.12 -17.43
CA GLU A 358 6.85 0.61 -18.65
C GLU A 358 6.37 1.76 -19.51
N GLN A 359 5.91 2.83 -18.86
CA GLN A 359 5.33 3.97 -19.57
C GLN A 359 6.35 4.88 -20.21
N GLN A 360 7.62 4.77 -19.80
CA GLN A 360 8.66 5.69 -20.29
C GLN A 360 9.58 5.04 -21.30
N SER A 361 10.25 5.88 -22.09
CA SER A 361 11.12 5.42 -23.16
C SER A 361 12.28 4.63 -22.61
N ASP A 362 12.67 3.59 -23.35
CA ASP A 362 13.77 2.72 -22.96
C ASP A 362 15.02 3.56 -22.69
N GLU A 363 15.21 4.62 -23.48
CA GLU A 363 16.34 5.53 -23.33
C GLU A 363 16.32 6.21 -21.97
N GLN A 364 15.16 6.74 -21.60
CA GLN A 364 14.99 7.45 -20.34
C GLN A 364 15.37 6.50 -19.20
N THR A 365 14.90 5.25 -19.29
CA THR A 365 15.19 4.21 -18.29
C THR A 365 16.68 3.90 -18.25
N LYS A 366 17.24 3.54 -19.42
CA LYS A 366 18.67 3.25 -19.52
C LYS A 366 19.49 4.34 -18.85
N ALA A 367 19.08 5.60 -19.09
CA ALA A 367 19.68 6.77 -18.45
C ALA A 367 19.71 6.64 -16.93
N GLU A 368 18.53 6.40 -16.34
CA GLU A 368 18.39 6.29 -14.89
C GLU A 368 19.27 5.20 -14.31
N ILE A 369 19.30 4.06 -15.01
CA ILE A 369 20.06 2.88 -14.61
C ILE A 369 21.56 3.11 -14.72
N MET A 370 21.97 3.83 -15.76
CA MET A 370 23.36 4.21 -15.89
C MET A 370 23.78 4.99 -14.66
N GLN A 371 23.06 6.07 -14.37
CA GLN A 371 23.31 6.88 -13.20
C GLN A 371 23.57 6.03 -11.95
N VAL A 372 22.63 5.13 -11.63
CA VAL A 372 22.73 4.23 -10.46
C VAL A 372 24.01 3.39 -10.52
N LEU A 373 24.32 2.86 -11.72
CA LEU A 373 25.45 1.97 -11.91
C LEU A 373 26.79 2.67 -11.76
N ARG A 374 26.82 3.96 -12.07
CA ARG A 374 28.01 4.78 -11.89
C ARG A 374 28.23 5.01 -10.40
N LYS A 375 27.15 5.24 -9.66
CA LYS A 375 27.21 5.44 -8.21
C LYS A 375 27.65 4.18 -7.46
N MET A 376 27.22 3.02 -7.96
CA MET A 376 27.53 1.75 -7.34
C MET A 376 28.97 1.39 -7.57
N PHE A 377 29.47 1.79 -8.74
CA PHE A 377 30.85 1.50 -9.13
C PHE A 377 31.56 2.77 -9.53
N PRO A 378 31.83 3.67 -8.56
CA PRO A 378 32.66 4.80 -8.93
C PRO A 378 34.10 4.31 -8.95
N GLY A 379 35.01 5.07 -9.56
CA GLY A 379 36.40 4.63 -9.67
C GLY A 379 36.49 3.32 -10.41
N LYS A 380 35.46 3.07 -11.22
CA LYS A 380 35.48 2.08 -12.28
C LYS A 380 34.95 2.87 -13.45
N ASP A 381 35.23 2.44 -14.67
CA ASP A 381 34.71 3.17 -15.83
C ASP A 381 33.57 2.38 -16.44
N VAL A 382 32.34 2.80 -16.14
CA VAL A 382 31.15 2.02 -16.51
C VAL A 382 30.58 2.49 -17.85
N PRO A 383 30.69 1.63 -18.88
CA PRO A 383 30.27 1.97 -20.25
C PRO A 383 28.76 2.01 -20.37
N ASP A 384 28.23 2.97 -21.12
CA ASP A 384 26.79 2.99 -21.39
C ASP A 384 26.33 1.62 -21.88
N ALA A 385 25.14 1.20 -21.45
CA ALA A 385 24.58 -0.07 -21.89
C ALA A 385 24.30 0.03 -23.39
N THR A 386 24.84 -0.93 -24.13
CA THR A 386 24.66 -0.95 -25.59
C THR A 386 23.23 -1.39 -25.96
N ASP A 387 22.64 -2.25 -25.14
CA ASP A 387 21.25 -2.67 -25.33
C ASP A 387 20.44 -2.78 -24.03
N ILE A 388 19.15 -2.43 -24.10
CA ILE A 388 18.23 -2.55 -22.96
C ILE A 388 16.95 -3.32 -23.33
N LEU A 389 16.44 -4.13 -22.39
CA LEU A 389 15.16 -4.82 -22.58
C LEU A 389 14.24 -4.54 -21.39
N VAL A 390 13.08 -3.95 -21.66
CA VAL A 390 12.09 -3.63 -20.63
C VAL A 390 10.78 -4.33 -20.98
N PRO A 391 10.53 -5.49 -20.35
CA PRO A 391 9.28 -6.23 -20.61
C PRO A 391 8.05 -5.45 -20.13
N ARG A 392 7.08 -5.26 -21.02
CA ARG A 392 5.90 -4.46 -20.69
C ARG A 392 4.62 -5.29 -20.48
N TRP A 393 4.68 -6.22 -19.54
CA TRP A 393 3.58 -7.16 -19.26
C TRP A 393 2.29 -6.45 -18.83
N TRP A 394 2.44 -5.45 -17.96
CA TRP A 394 1.31 -4.72 -17.46
C TRP A 394 0.58 -4.02 -18.61
N SER A 395 1.36 -3.41 -19.51
CA SER A 395 0.80 -2.66 -20.62
C SER A 395 0.07 -3.55 -21.60
N ASP A 396 0.55 -4.79 -21.74
CA ASP A 396 -0.04 -5.81 -22.64
C ASP A 396 -1.49 -6.24 -22.27
N ARG A 397 -2.41 -6.06 -23.22
CA ARG A 397 -3.84 -6.32 -22.96
C ARG A 397 -4.18 -7.77 -22.63
N PHE A 398 -3.31 -8.70 -23.01
CA PHE A 398 -3.54 -10.13 -22.81
C PHE A 398 -3.03 -10.63 -21.47
N TYR A 399 -2.37 -9.73 -20.73
CA TYR A 399 -1.77 -10.08 -19.45
C TYR A 399 -2.11 -9.10 -18.34
N LYS A 400 -1.86 -7.82 -18.58
CA LYS A 400 -2.21 -6.76 -17.63
C LYS A 400 -1.55 -6.98 -16.27
N GLY A 401 -0.35 -7.56 -16.28
CA GLY A 401 0.38 -7.88 -15.05
C GLY A 401 1.36 -9.02 -15.25
N THR A 402 1.88 -9.58 -14.17
CA THR A 402 2.79 -10.72 -14.28
C THR A 402 2.34 -11.93 -13.46
N PHE A 403 1.82 -11.68 -12.25
CA PHE A 403 1.24 -12.74 -11.41
C PHE A 403 0.40 -12.14 -10.29
N SER A 404 -0.51 -12.93 -9.73
CA SER A 404 -1.40 -12.44 -8.70
C SER A 404 -0.69 -12.41 -7.35
N ASN A 405 -1.07 -11.45 -6.51
CA ASN A 405 -0.64 -11.41 -5.13
C ASN A 405 -1.85 -11.38 -4.20
N TRP A 406 -1.78 -12.13 -3.11
CA TRP A 406 -2.87 -12.20 -2.14
C TRP A 406 -2.87 -10.97 -1.23
N PRO A 407 -3.91 -10.13 -1.31
CA PRO A 407 -3.85 -8.87 -0.59
C PRO A 407 -4.59 -8.91 0.73
N VAL A 408 -4.21 -8.05 1.68
CA VAL A 408 -4.91 -8.03 2.97
C VAL A 408 -6.33 -7.54 2.79
N GLY A 409 -7.27 -8.25 3.39
CA GLY A 409 -8.69 -8.01 3.17
C GLY A 409 -9.34 -9.23 2.55
N VAL A 410 -8.71 -9.76 1.51
CA VAL A 410 -9.22 -10.96 0.86
C VAL A 410 -9.01 -12.17 1.78
N ASN A 411 -10.09 -12.79 2.21
CA ASN A 411 -9.99 -14.00 3.01
C ASN A 411 -10.17 -15.24 2.16
N ARG A 412 -9.97 -16.41 2.78
CA ARG A 412 -9.95 -17.68 2.06
C ARG A 412 -11.25 -17.97 1.32
N TYR A 413 -12.37 -17.54 1.91
CA TYR A 413 -13.68 -17.75 1.33
C TYR A 413 -13.80 -16.99 0.02
N GLU A 414 -13.56 -15.68 0.06
CA GLU A 414 -13.72 -14.87 -1.14
C GLU A 414 -12.63 -15.13 -2.18
N TYR A 415 -11.55 -15.78 -1.76
CA TYR A 415 -10.56 -16.28 -2.72
C TYR A 415 -11.14 -17.46 -3.47
N ASP A 416 -11.92 -18.27 -2.76
CA ASP A 416 -12.61 -19.40 -3.38
C ASP A 416 -13.70 -18.95 -4.35
N GLN A 417 -14.28 -17.77 -4.10
CA GLN A 417 -15.26 -17.18 -5.00
C GLN A 417 -14.62 -16.84 -6.35
N LEU A 418 -13.32 -16.53 -6.32
CA LEU A 418 -12.53 -16.30 -7.54
C LEU A 418 -12.49 -17.53 -8.44
N ARG A 419 -12.17 -18.70 -7.88
CA ARG A 419 -12.08 -19.95 -8.65
C ARG A 419 -13.44 -20.53 -9.01
N ALA A 420 -14.45 -20.18 -8.19
CA ALA A 420 -15.82 -20.68 -8.36
C ALA A 420 -16.30 -20.52 -9.80
N PRO A 421 -17.05 -21.52 -10.31
CA PRO A 421 -17.62 -21.30 -11.63
C PRO A 421 -18.92 -20.49 -11.56
N VAL A 422 -19.30 -19.92 -12.70
CA VAL A 422 -20.59 -19.27 -12.85
C VAL A 422 -21.25 -19.99 -14.03
N GLY A 423 -22.29 -20.76 -13.74
CA GLY A 423 -23.00 -21.54 -14.76
C GLY A 423 -22.10 -22.55 -15.45
N ARG A 424 -22.04 -22.44 -16.77
CA ARG A 424 -21.15 -23.30 -17.56
C ARG A 424 -19.80 -22.61 -17.80
N VAL A 425 -19.57 -21.51 -17.10
CA VAL A 425 -18.31 -20.79 -17.20
C VAL A 425 -17.40 -21.16 -16.03
N TYR A 426 -16.34 -21.87 -16.35
CA TYR A 426 -15.34 -22.32 -15.40
C TYR A 426 -14.09 -21.47 -15.51
N PHE A 427 -13.39 -21.32 -14.39
CA PHE A 427 -12.15 -20.55 -14.37
C PHE A 427 -10.94 -21.38 -13.98
N THR A 428 -9.80 -21.02 -14.56
CA THR A 428 -8.53 -21.63 -14.20
C THR A 428 -7.42 -20.59 -14.36
N GLY A 429 -6.20 -20.96 -13.99
CA GLY A 429 -5.06 -20.05 -14.05
C GLY A 429 -4.43 -19.96 -12.69
N GLU A 430 -3.17 -19.50 -12.64
CA GLU A 430 -2.46 -19.36 -11.37
C GLU A 430 -3.31 -18.73 -10.26
N HIS A 431 -4.18 -17.78 -10.62
CA HIS A 431 -4.96 -17.04 -9.64
C HIS A 431 -6.11 -17.84 -9.01
N THR A 432 -6.36 -19.04 -9.56
CA THR A 432 -7.38 -19.95 -9.03
C THR A 432 -6.76 -21.06 -8.20
N SER A 433 -5.45 -21.23 -8.34
CA SER A 433 -4.66 -22.19 -7.59
C SER A 433 -4.84 -22.00 -6.08
N GLU A 434 -5.17 -23.07 -5.37
CA GLU A 434 -5.47 -22.96 -3.95
C GLU A 434 -4.28 -22.45 -3.18
N HIS A 435 -3.18 -23.20 -3.18
CA HIS A 435 -2.05 -22.83 -2.35
C HIS A 435 -0.82 -22.32 -3.10
N TYR A 436 -0.92 -22.17 -4.42
CA TYR A 436 0.26 -21.81 -5.20
C TYR A 436 0.02 -20.70 -6.20
N ASN A 437 -0.93 -19.81 -5.92
CA ASN A 437 -1.14 -18.67 -6.78
C ASN A 437 0.15 -17.88 -7.01
N GLY A 438 0.35 -17.42 -8.25
CA GLY A 438 1.50 -16.62 -8.60
C GLY A 438 2.64 -17.40 -9.22
N TYR A 439 2.48 -18.73 -9.29
CA TYR A 439 3.58 -19.62 -9.68
C TYR A 439 3.25 -20.55 -10.84
N VAL A 440 4.28 -20.95 -11.60
CA VAL A 440 4.15 -21.92 -12.70
C VAL A 440 3.42 -23.19 -12.26
N HIS A 441 3.90 -23.82 -11.18
CA HIS A 441 3.25 -25.02 -10.66
C HIS A 441 1.80 -24.74 -10.26
N GLY A 442 1.57 -23.59 -9.64
CA GLY A 442 0.23 -23.11 -9.31
C GLY A 442 -0.69 -23.10 -10.52
N ALA A 443 -0.24 -22.48 -11.61
CA ALA A 443 -0.94 -22.51 -12.90
C ALA A 443 -1.14 -23.95 -13.37
N TYR A 444 -0.06 -24.74 -13.31
CA TYR A 444 -0.11 -26.09 -13.81
C TYR A 444 -1.14 -26.92 -13.06
N LEU A 445 -1.07 -26.87 -11.73
CA LEU A 445 -1.98 -27.65 -10.89
C LEU A 445 -3.42 -27.14 -10.97
N SER A 446 -3.58 -25.82 -11.15
CA SER A 446 -4.89 -25.19 -11.29
C SER A 446 -5.63 -25.64 -12.54
N GLY A 447 -4.88 -25.92 -13.60
CA GLY A 447 -5.43 -26.52 -14.81
C GLY A 447 -6.13 -27.82 -14.47
N ILE A 448 -5.39 -28.72 -13.81
CA ILE A 448 -5.92 -30.02 -13.38
C ILE A 448 -7.19 -29.90 -12.51
N ASP A 449 -7.16 -28.98 -11.53
CA ASP A 449 -8.27 -28.81 -10.58
C ASP A 449 -9.54 -28.27 -11.26
N SER A 450 -9.40 -27.21 -12.05
CA SER A 450 -10.51 -26.67 -12.82
C SER A 450 -11.10 -27.75 -13.69
N ALA A 451 -10.24 -28.42 -14.46
CA ALA A 451 -10.63 -29.54 -15.31
C ALA A 451 -11.46 -30.56 -14.55
N GLU A 452 -10.88 -31.10 -13.47
CA GLU A 452 -11.59 -32.06 -12.65
C GLU A 452 -12.95 -31.53 -12.15
N ILE A 453 -13.02 -30.27 -11.74
CA ILE A 453 -14.33 -29.67 -11.35
C ILE A 453 -15.38 -29.81 -12.47
N LEU A 454 -15.00 -29.45 -13.69
CA LEU A 454 -15.91 -29.55 -14.83
C LEU A 454 -16.21 -31.01 -15.17
N ILE A 455 -15.17 -31.83 -15.22
CA ILE A 455 -15.31 -33.27 -15.54
C ILE A 455 -16.33 -33.90 -14.59
N ASN A 456 -16.31 -33.44 -13.35
CA ASN A 456 -17.22 -33.89 -12.31
C ASN A 456 -18.65 -33.51 -12.61
N CYS A 457 -18.78 -32.41 -13.35
CA CYS A 457 -20.08 -31.92 -13.77
C CYS A 457 -20.54 -32.57 -15.08
N ALA A 458 -19.67 -32.54 -16.09
CA ALA A 458 -19.98 -33.15 -17.37
C ALA A 458 -20.28 -34.64 -17.22
N GLN A 459 -19.37 -35.40 -16.63
CA GLN A 459 -19.53 -36.85 -16.55
C GLN A 459 -20.38 -37.27 -15.38
N LYS A 460 -19.92 -36.94 -14.17
CA LYS A 460 -20.55 -37.39 -12.93
C LYS A 460 -21.85 -36.67 -12.60
N LYS A 461 -22.16 -35.66 -13.39
CA LYS A 461 -23.44 -34.92 -13.33
C LYS A 461 -23.66 -34.22 -12.00
N MET A 462 -22.57 -33.76 -11.39
CA MET A 462 -22.65 -32.97 -10.16
C MET A 462 -22.02 -31.60 -10.37
N CYS A 463 -22.83 -30.55 -10.29
CA CYS A 463 -22.43 -29.23 -10.73
C CYS A 463 -22.61 -28.07 -9.76
N LYS A 464 -23.23 -28.32 -8.63
CA LYS A 464 -23.31 -27.32 -7.58
C LYS A 464 -21.95 -27.24 -6.96
N TYR A 465 -21.32 -26.06 -7.05
CA TYR A 465 -20.01 -25.87 -6.44
C TYR A 465 -20.21 -25.05 -5.16
N HIS A 466 -19.92 -25.62 -4.00
CA HIS A 466 -20.07 -24.84 -2.75
C HIS A 466 -18.76 -24.13 -2.40
N VAL A 467 -18.84 -22.80 -2.42
CA VAL A 467 -17.70 -21.93 -2.18
C VAL A 467 -17.25 -22.02 -0.72
N GLN A 468 -15.95 -22.26 -0.52
CA GLN A 468 -15.33 -22.29 0.82
C GLN A 468 -13.96 -21.63 0.85
N THR B 2 -5.19 5.88 44.20
CA THR B 2 -6.21 5.94 45.23
C THR B 2 -5.78 6.83 46.39
N VAL B 3 -4.59 7.38 46.37
CA VAL B 3 -4.06 8.18 47.49
C VAL B 3 -4.16 9.74 47.36
N GLY B 4 -4.00 10.34 46.17
CA GLY B 4 -3.94 9.74 44.84
C GLY B 4 -5.09 10.35 44.03
N PRO B 5 -4.78 11.19 43.00
CA PRO B 5 -5.85 11.86 42.24
C PRO B 5 -6.78 10.86 41.55
N ARG B 6 -8.04 11.21 41.43
CA ARG B 6 -9.01 10.34 40.80
CA ARG B 6 -9.03 10.35 40.79
C ARG B 6 -8.55 9.83 39.45
N VAL B 7 -8.02 10.73 38.63
CA VAL B 7 -7.54 10.44 37.30
C VAL B 7 -6.30 11.20 36.91
N ILE B 8 -5.36 10.51 36.28
CA ILE B 8 -4.21 11.17 35.65
C ILE B 8 -4.41 11.16 34.14
N VAL B 9 -4.43 12.34 33.53
CA VAL B 9 -4.51 12.46 32.07
C VAL B 9 -3.11 12.64 31.48
N VAL B 10 -2.69 11.65 30.69
CA VAL B 10 -1.42 11.72 29.99
C VAL B 10 -1.64 12.54 28.71
N GLY B 11 -0.88 13.62 28.58
CA GLY B 11 -0.92 14.46 27.41
C GLY B 11 -2.00 15.52 27.47
N ALA B 12 -1.61 16.76 27.15
CA ALA B 12 -2.54 17.89 27.07
C ALA B 12 -2.71 18.40 25.64
N GLY B 13 -2.93 17.48 24.71
CA GLY B 13 -3.39 17.84 23.38
C GLY B 13 -4.87 18.19 23.39
N MET B 14 -5.47 18.25 22.20
CA MET B 14 -6.89 18.58 22.08
C MET B 14 -7.81 17.61 22.81
N SER B 15 -7.48 16.32 22.75
CA SER B 15 -8.31 15.31 23.37
C SER B 15 -8.13 15.26 24.89
N GLY B 16 -6.88 15.31 25.34
CA GLY B 16 -6.56 15.36 26.77
C GLY B 16 -7.26 16.50 27.48
N ILE B 17 -7.11 17.70 26.93
CA ILE B 17 -7.76 18.89 27.47
C ILE B 17 -9.29 18.73 27.47
N SER B 18 -9.83 18.22 26.36
CA SER B 18 -11.28 18.04 26.23
C SER B 18 -11.81 16.99 27.20
N ALA B 19 -11.04 15.90 27.36
CA ALA B 19 -11.34 14.87 28.34
C ALA B 19 -11.38 15.44 29.75
N ALA B 20 -10.27 16.03 30.17
CA ALA B 20 -10.16 16.61 31.52
C ALA B 20 -11.26 17.65 31.79
N LYS B 21 -11.60 18.45 30.79
CA LYS B 21 -12.71 19.39 30.89
C LYS B 21 -14.02 18.67 31.17
N ARG B 22 -14.27 17.60 30.42
CA ARG B 22 -15.52 16.84 30.55
C ARG B 22 -15.57 16.13 31.90
N LEU B 23 -14.46 15.52 32.28
CA LEU B 23 -14.32 14.92 33.60
C LEU B 23 -14.63 15.95 34.68
N SER B 24 -14.05 17.15 34.51
CA SER B 24 -14.19 18.20 35.49
C SER B 24 -15.66 18.49 35.70
N GLU B 25 -16.36 18.83 34.63
CA GLU B 25 -17.76 19.24 34.74
C GLU B 25 -18.69 18.09 35.14
N ALA B 26 -18.16 16.88 35.19
CA ALA B 26 -18.92 15.74 35.69
C ALA B 26 -18.83 15.70 37.21
N GLY B 27 -17.93 16.50 37.76
CA GLY B 27 -17.68 16.46 39.19
C GLY B 27 -16.29 15.97 39.48
N ILE B 28 -15.70 15.18 38.58
CA ILE B 28 -14.33 14.66 38.80
C ILE B 28 -13.27 15.75 38.54
N THR B 29 -13.04 16.61 39.53
CA THR B 29 -12.05 17.68 39.41
C THR B 29 -10.68 17.30 39.97
N ASP B 30 -10.65 16.29 40.84
CA ASP B 30 -9.40 15.78 41.39
C ASP B 30 -8.61 15.03 40.32
N LEU B 31 -8.12 15.78 39.33
CA LEU B 31 -7.33 15.20 38.23
C LEU B 31 -5.93 15.81 38.13
N LEU B 32 -5.05 15.12 37.39
CA LEU B 32 -3.71 15.62 37.10
C LEU B 32 -3.34 15.36 35.65
N ILE B 33 -3.10 16.44 34.92
CA ILE B 33 -2.66 16.34 33.52
C ILE B 33 -1.13 16.36 33.43
N LEU B 34 -0.56 15.31 32.84
CA LEU B 34 0.88 15.22 32.64
C LEU B 34 1.21 15.33 31.15
N GLU B 35 1.94 16.38 30.77
CA GLU B 35 2.22 16.63 29.37
C GLU B 35 3.73 16.62 29.14
N ALA B 36 4.17 15.94 28.08
CA ALA B 36 5.59 15.76 27.81
C ALA B 36 6.30 17.07 27.50
N THR B 37 5.64 17.94 26.74
CA THR B 37 6.27 19.16 26.24
C THR B 37 6.13 20.34 27.21
N ASP B 38 6.65 21.50 26.77
CA ASP B 38 6.58 22.73 27.53
C ASP B 38 5.37 23.54 27.15
N HIS B 39 4.36 22.88 26.61
CA HIS B 39 3.14 23.55 26.14
C HIS B 39 1.97 22.59 25.97
N ILE B 40 0.78 23.16 25.81
CA ILE B 40 -0.41 22.39 25.48
C ILE B 40 -0.73 22.56 24.00
N GLY B 41 -1.79 21.88 23.53
CA GLY B 41 -2.19 21.97 22.13
C GLY B 41 -1.83 20.76 21.27
N GLY B 42 -0.69 20.15 21.56
CA GLY B 42 -0.27 18.91 20.89
C GLY B 42 -0.02 19.11 19.41
N ARG B 43 -0.76 18.39 18.57
CA ARG B 43 -0.59 18.46 17.11
C ARG B 43 -1.25 19.69 16.51
N MET B 44 -1.67 20.60 17.36
CA MET B 44 -2.14 21.91 16.92
C MET B 44 -1.08 22.87 17.38
N HIS B 45 -0.09 23.12 16.52
CA HIS B 45 1.10 23.83 16.95
C HIS B 45 1.59 24.85 15.93
N LYS B 46 1.59 26.11 16.34
CA LYS B 46 2.14 27.19 15.52
C LYS B 46 3.65 27.35 15.75
N THR B 47 4.32 27.94 14.77
CA THR B 47 5.73 28.25 14.87
C THR B 47 5.97 29.50 14.04
N ASN B 48 7.00 30.25 14.39
CA ASN B 48 7.37 31.40 13.59
C ASN B 48 8.28 31.00 12.45
N PHE B 49 7.75 31.06 11.24
CA PHE B 49 8.56 30.84 10.07
C PHE B 49 8.92 32.10 9.32
N ALA B 50 10.10 32.50 9.55
CA ALA B 50 10.72 33.69 8.94
C ALA B 50 9.75 34.87 8.87
N GLY B 51 9.41 35.37 10.03
CA GLY B 51 8.56 36.55 10.13
C GLY B 51 7.14 36.31 10.59
N ILE B 52 6.52 35.23 10.14
CA ILE B 52 5.13 34.98 10.49
C ILE B 52 4.89 33.66 11.21
N ASN B 53 3.72 33.56 11.83
CA ASN B 53 3.28 32.34 12.49
C ASN B 53 2.55 31.46 11.50
N VAL B 54 3.11 30.28 11.26
CA VAL B 54 2.49 29.30 10.38
C VAL B 54 2.18 28.06 11.19
N GLU B 55 1.36 27.16 10.64
CA GLU B 55 0.98 25.94 11.35
C GLU B 55 1.85 24.76 10.96
N LEU B 56 2.35 24.04 11.96
CA LEU B 56 3.13 22.83 11.72
C LEU B 56 2.22 21.60 11.70
N GLY B 57 1.12 21.67 12.43
CA GLY B 57 0.14 20.60 12.50
C GLY B 57 -1.16 20.94 11.79
N ALA B 58 -2.26 20.77 12.52
CA ALA B 58 -3.59 21.03 11.98
C ALA B 58 -3.63 22.45 11.44
N ASN B 59 -4.33 22.66 10.33
CA ASN B 59 -4.47 24.01 9.79
C ASN B 59 -5.89 24.33 9.40
N TRP B 60 -6.70 23.31 9.14
CA TRP B 60 -8.09 23.56 8.74
C TRP B 60 -9.10 23.20 9.80
N VAL B 61 -10.28 23.79 9.69
CA VAL B 61 -11.47 23.30 10.34
C VAL B 61 -12.23 22.61 9.21
N GLU B 62 -12.05 21.30 9.11
CA GLU B 62 -12.65 20.53 8.04
C GLU B 62 -14.02 20.09 8.40
N GLY B 63 -14.98 20.37 7.52
CA GLY B 63 -16.38 20.08 7.77
C GLY B 63 -17.11 21.31 8.26
N VAL B 64 -17.41 22.22 7.33
CA VAL B 64 -18.20 23.41 7.65
C VAL B 64 -19.35 23.55 6.63
N ASN B 65 -20.44 24.19 7.07
CA ASN B 65 -21.61 24.55 6.24
C ASN B 65 -22.64 23.43 5.98
N GLY B 66 -22.44 22.25 6.56
CA GLY B 66 -23.32 21.11 6.30
C GLY B 66 -24.54 20.97 7.20
N GLY B 67 -25.00 19.73 7.35
CA GLY B 67 -26.20 19.42 8.12
C GLY B 67 -26.06 19.72 9.59
N LYS B 68 -24.94 19.30 10.18
CA LYS B 68 -24.70 19.51 11.61
C LYS B 68 -23.50 20.42 11.83
N MET B 69 -23.51 21.08 12.98
CA MET B 69 -22.43 21.99 13.36
C MET B 69 -21.17 21.28 13.82
N ASN B 70 -20.06 21.51 13.13
CA ASN B 70 -18.75 21.13 13.61
C ASN B 70 -18.50 21.85 14.93
N PRO B 71 -18.32 21.09 16.04
CA PRO B 71 -18.17 21.71 17.37
C PRO B 71 -17.04 22.72 17.43
N ILE B 72 -15.94 22.45 16.73
CA ILE B 72 -14.77 23.33 16.65
C ILE B 72 -15.10 24.68 15.97
N TRP B 73 -16.02 24.67 15.01
CA TRP B 73 -16.32 25.87 14.23
C TRP B 73 -16.83 27.11 15.01
N PRO B 74 -17.84 26.96 15.91
CA PRO B 74 -18.19 28.09 16.76
C PRO B 74 -16.97 28.70 17.47
N ILE B 75 -16.19 27.87 18.16
CA ILE B 75 -14.99 28.34 18.86
C ILE B 75 -14.08 29.15 17.93
N VAL B 76 -13.92 28.66 16.70
CA VAL B 76 -13.05 29.32 15.73
C VAL B 76 -13.66 30.62 15.16
N ASN B 77 -14.87 30.54 14.61
CA ASN B 77 -15.45 31.70 13.89
C ASN B 77 -16.00 32.85 14.72
N SER B 78 -16.82 32.54 15.72
CA SER B 78 -17.45 33.58 16.54
C SER B 78 -16.84 33.78 17.93
N THR B 79 -16.48 32.68 18.61
CA THR B 79 -15.91 32.77 19.97
C THR B 79 -14.51 33.39 19.99
N LEU B 80 -13.54 32.79 19.29
CA LEU B 80 -12.18 33.31 19.24
C LEU B 80 -11.94 34.18 18.01
N LYS B 81 -12.90 34.17 17.10
CA LYS B 81 -12.83 34.94 15.88
C LYS B 81 -11.48 34.87 15.20
N LEU B 82 -10.94 33.66 15.08
CA LEU B 82 -9.64 33.45 14.45
C LEU B 82 -9.67 33.69 12.96
N ARG B 83 -8.66 34.40 12.46
CA ARG B 83 -8.56 34.74 11.05
C ARG B 83 -8.47 33.47 10.18
N ASN B 84 -9.39 33.33 9.22
CA ASN B 84 -9.44 32.14 8.40
C ASN B 84 -10.11 32.39 7.06
N PHE B 85 -9.81 31.54 6.08
CA PHE B 85 -10.37 31.67 4.74
C PHE B 85 -10.83 30.31 4.21
N ARG B 86 -12.00 30.27 3.59
CA ARG B 86 -12.53 29.05 2.96
C ARG B 86 -11.65 28.64 1.77
N SER B 87 -11.18 27.41 1.78
CA SER B 87 -10.37 26.89 0.69
C SER B 87 -11.24 26.63 -0.52
N ASP B 88 -10.76 27.01 -1.70
CA ASP B 88 -11.54 26.84 -2.93
C ASP B 88 -10.77 26.06 -3.98
N PHE B 89 -11.21 24.85 -4.25
CA PHE B 89 -10.49 23.92 -5.11
C PHE B 89 -11.05 23.85 -6.53
N ASP B 90 -11.93 24.79 -6.87
CA ASP B 90 -12.58 24.79 -8.18
C ASP B 90 -11.63 24.98 -9.35
N TYR B 91 -10.53 25.68 -9.13
CA TYR B 91 -9.69 26.08 -10.25
C TYR B 91 -8.47 25.21 -10.46
N LEU B 92 -8.54 23.99 -9.92
CA LEU B 92 -7.40 23.08 -10.02
C LEU B 92 -7.09 22.74 -11.46
N ALA B 93 -8.13 22.63 -12.27
CA ALA B 93 -7.99 22.29 -13.69
C ALA B 93 -6.97 23.20 -14.38
N GLN B 94 -7.02 24.48 -14.03
CA GLN B 94 -6.11 25.47 -14.60
C GLN B 94 -4.71 25.44 -13.99
N ASN B 95 -4.53 24.69 -12.91
CA ASN B 95 -3.30 24.80 -12.11
C ASN B 95 -2.46 23.55 -11.92
N VAL B 96 -2.53 22.63 -12.86
CA VAL B 96 -1.73 21.39 -12.80
C VAL B 96 -0.50 21.50 -13.72
N TYR B 97 0.67 21.24 -13.17
CA TYR B 97 1.93 21.47 -13.89
C TYR B 97 2.52 20.20 -14.46
N LYS B 98 2.89 20.25 -15.74
CA LYS B 98 3.63 19.18 -16.42
C LYS B 98 4.99 19.05 -15.74
N GLU B 99 5.47 17.83 -15.58
CA GLU B 99 6.70 17.62 -14.83
C GLU B 99 7.92 18.30 -15.44
N ASP B 100 7.76 18.87 -16.63
CA ASP B 100 8.82 19.68 -17.24
C ASP B 100 8.48 21.15 -17.53
N GLY B 101 7.39 21.62 -16.94
CA GLY B 101 6.86 22.97 -17.21
C GLY B 101 6.07 22.91 -18.50
N GLY B 102 5.03 23.73 -18.63
CA GLY B 102 4.46 24.52 -17.56
C GLY B 102 3.17 23.81 -17.22
N VAL B 103 2.05 24.35 -17.70
CA VAL B 103 0.71 23.86 -17.33
C VAL B 103 0.04 23.01 -18.42
N TYR B 104 -0.84 22.11 -17.98
CA TYR B 104 -1.67 21.30 -18.86
C TYR B 104 -2.86 22.10 -19.37
N ASP B 105 -3.48 21.60 -20.42
CA ASP B 105 -4.69 22.19 -20.95
C ASP B 105 -5.75 22.06 -19.89
N GLU B 106 -6.48 23.14 -19.63
CA GLU B 106 -7.52 23.13 -18.63
C GLU B 106 -8.61 22.12 -18.89
N ASP B 107 -9.16 22.16 -20.09
CA ASP B 107 -10.25 21.25 -20.46
C ASP B 107 -9.86 19.79 -20.23
N TYR B 108 -8.63 19.44 -20.64
CA TYR B 108 -8.11 18.09 -20.45
C TYR B 108 -8.17 17.65 -18.99
N VAL B 109 -7.46 18.38 -18.14
CA VAL B 109 -7.42 18.14 -16.69
C VAL B 109 -8.82 18.06 -16.10
N GLN B 110 -9.66 19.04 -16.46
CA GLN B 110 -11.05 19.08 -16.01
C GLN B 110 -11.78 17.76 -16.25
N LYS B 111 -11.47 17.08 -17.35
CA LYS B 111 -12.09 15.81 -17.67
C LYS B 111 -11.60 14.69 -16.79
N ARG B 112 -10.32 14.77 -16.42
CA ARG B 112 -9.67 13.80 -15.55
C ARG B 112 -10.15 13.92 -14.13
N ILE B 113 -10.41 15.14 -13.70
CA ILE B 113 -10.99 15.44 -12.39
C ILE B 113 -12.43 14.94 -12.35
N GLU B 114 -13.20 15.25 -13.39
CA GLU B 114 -14.57 14.79 -13.51
C GLU B 114 -14.66 13.28 -13.49
N LEU B 115 -13.82 12.61 -14.28
CA LEU B 115 -13.80 11.15 -14.30
C LEU B 115 -13.49 10.58 -12.93
N ALA B 116 -12.48 11.14 -12.27
CA ALA B 116 -12.07 10.74 -10.93
C ALA B 116 -13.17 10.90 -9.89
N ASP B 117 -13.96 11.96 -10.00
CA ASP B 117 -15.00 12.23 -9.03
C ASP B 117 -16.17 11.25 -9.13
N SER B 118 -16.51 10.85 -10.35
CA SER B 118 -17.65 9.94 -10.53
C SER B 118 -17.29 8.55 -10.04
N VAL B 119 -16.02 8.16 -10.20
CA VAL B 119 -15.52 6.90 -9.66
C VAL B 119 -15.73 6.95 -8.14
N GLU B 120 -15.34 8.03 -7.48
CA GLU B 120 -15.57 8.10 -6.06
C GLU B 120 -17.05 8.07 -5.80
N GLU B 121 -17.82 8.89 -6.49
CA GLU B 121 -19.27 8.88 -6.28
C GLU B 121 -19.85 7.47 -6.34
N MET B 122 -19.39 6.68 -7.29
CA MET B 122 -19.74 5.27 -7.37
C MET B 122 -19.25 4.51 -6.15
N GLY B 123 -18.07 4.90 -5.66
CA GLY B 123 -17.52 4.37 -4.42
C GLY B 123 -18.46 4.56 -3.24
N GLU B 124 -18.94 5.79 -3.07
CA GLU B 124 -19.88 6.12 -2.01
C GLU B 124 -21.14 5.27 -2.06
N LYS B 125 -21.60 4.95 -3.27
CA LYS B 125 -22.77 4.12 -3.46
C LYS B 125 -22.48 2.69 -3.04
N LEU B 126 -21.43 2.13 -3.59
CA LEU B 126 -21.00 0.76 -3.26
C LEU B 126 -20.76 0.64 -1.77
N SER B 127 -20.13 1.68 -1.22
CA SER B 127 -19.84 1.77 0.19
C SER B 127 -21.11 1.60 0.99
N ALA B 128 -22.14 2.36 0.61
CA ALA B 128 -23.42 2.40 1.31
C ALA B 128 -24.16 1.06 1.33
N THR B 129 -23.73 0.12 0.49
CA THR B 129 -24.38 -1.20 0.42
C THR B 129 -23.69 -2.25 1.31
N LEU B 130 -22.46 -1.95 1.74
CA LEU B 130 -21.63 -2.92 2.47
C LEU B 130 -22.12 -3.17 3.89
N HIS B 131 -22.05 -4.43 4.33
CA HIS B 131 -22.47 -4.83 5.68
C HIS B 131 -21.73 -4.10 6.79
N ALA B 132 -22.45 -3.74 7.85
CA ALA B 132 -21.89 -2.89 8.89
C ALA B 132 -20.73 -3.53 9.64
N SER B 133 -20.63 -4.87 9.60
CA SER B 133 -19.51 -5.56 10.26
C SER B 133 -18.16 -5.16 9.66
N GLY B 134 -18.13 -5.02 8.34
CA GLY B 134 -16.90 -4.78 7.62
C GLY B 134 -16.46 -6.02 6.88
N ARG B 135 -17.27 -7.07 6.96
CA ARG B 135 -16.90 -8.32 6.31
C ARG B 135 -16.56 -8.19 4.85
N ASP B 136 -17.25 -7.32 4.14
CA ASP B 136 -17.02 -7.17 2.71
C ASP B 136 -16.45 -5.83 2.29
N ASP B 137 -15.70 -5.21 3.18
CA ASP B 137 -15.01 -3.95 2.92
C ASP B 137 -13.84 -4.21 1.96
N MET B 138 -13.41 -3.15 1.28
CA MET B 138 -12.29 -3.23 0.35
C MET B 138 -11.52 -1.90 0.40
N SER B 139 -10.35 -1.86 -0.23
CA SER B 139 -9.60 -0.61 -0.31
C SER B 139 -10.27 0.34 -1.32
N ILE B 140 -9.94 1.62 -1.24
CA ILE B 140 -10.38 2.62 -2.21
C ILE B 140 -9.92 2.21 -3.62
N LEU B 141 -8.65 1.82 -3.75
CA LEU B 141 -8.13 1.28 -5.02
C LEU B 141 -8.96 0.13 -5.60
N ALA B 142 -9.25 -0.90 -4.78
CA ALA B 142 -10.06 -2.04 -5.23
C ALA B 142 -11.36 -1.55 -5.83
N MET B 143 -12.02 -0.63 -5.12
CA MET B 143 -13.20 0.06 -5.62
C MET B 143 -12.92 0.80 -6.93
N GLN B 144 -11.79 1.51 -7.00
CA GLN B 144 -11.40 2.25 -8.22
C GLN B 144 -11.22 1.30 -9.40
N ARG B 145 -10.57 0.17 -9.16
CA ARG B 145 -10.40 -0.86 -10.17
C ARG B 145 -11.75 -1.32 -10.66
N LEU B 146 -12.58 -1.71 -9.71
CA LEU B 146 -13.89 -2.24 -9.98
C LEU B 146 -14.73 -1.34 -10.88
N ASN B 147 -14.59 -0.04 -10.70
CA ASN B 147 -15.36 0.94 -11.45
C ASN B 147 -14.68 1.36 -12.72
N GLU B 148 -13.35 1.47 -12.68
CA GLU B 148 -12.62 1.80 -13.89
C GLU B 148 -12.40 0.61 -14.84
N HIS B 149 -12.73 -0.61 -14.39
CA HIS B 149 -12.46 -1.87 -15.13
C HIS B 149 -11.01 -2.04 -15.51
N GLN B 150 -10.13 -2.00 -14.51
CA GLN B 150 -8.69 -2.00 -14.71
C GLN B 150 -8.02 -2.81 -13.62
N PRO B 151 -6.85 -3.41 -13.94
CA PRO B 151 -6.05 -4.08 -12.91
C PRO B 151 -5.32 -3.07 -12.01
N ASN B 152 -5.57 -1.78 -12.20
CA ASN B 152 -4.83 -0.74 -11.50
C ASN B 152 -5.68 0.52 -11.38
N GLY B 153 -5.34 1.41 -10.45
CA GLY B 153 -6.00 2.72 -10.32
C GLY B 153 -5.31 3.76 -11.18
N PRO B 154 -5.49 5.05 -10.86
CA PRO B 154 -4.80 6.14 -11.60
C PRO B 154 -3.29 5.90 -11.73
N ALA B 155 -2.78 5.87 -12.95
CA ALA B 155 -1.40 5.41 -13.18
C ALA B 155 -0.54 6.36 -14.02
N THR B 156 -1.17 7.39 -14.59
CA THR B 156 -0.44 8.36 -15.41
C THR B 156 -0.27 9.71 -14.69
N PRO B 157 0.82 10.44 -15.01
CA PRO B 157 1.22 11.68 -14.36
C PRO B 157 0.07 12.54 -13.82
N VAL B 158 -0.82 13.00 -14.71
CA VAL B 158 -1.94 13.86 -14.32
C VAL B 158 -2.93 13.12 -13.41
N ASP B 159 -3.34 11.92 -13.83
CA ASP B 159 -4.30 11.10 -13.09
C ASP B 159 -3.82 10.84 -11.67
N MET B 160 -2.51 10.64 -11.55
CA MET B 160 -1.89 10.33 -10.28
C MET B 160 -1.92 11.53 -9.34
N VAL B 161 -1.39 12.67 -9.76
CA VAL B 161 -1.43 13.87 -8.92
C VAL B 161 -2.88 14.24 -8.50
N VAL B 162 -3.86 14.01 -9.38
CA VAL B 162 -5.28 14.20 -9.04
C VAL B 162 -5.69 13.19 -7.99
N ASP B 163 -5.28 11.93 -8.20
CA ASP B 163 -5.53 10.86 -7.23
C ASP B 163 -4.93 11.26 -5.91
N TYR B 164 -3.65 11.61 -5.93
CA TYR B 164 -2.93 12.04 -4.74
C TYR B 164 -3.62 13.22 -4.07
N TYR B 165 -4.10 14.17 -4.87
CA TYR B 165 -4.81 15.31 -4.31
C TYR B 165 -6.13 14.87 -3.66
N LYS B 166 -6.83 13.97 -4.33
CA LYS B 166 -8.17 13.54 -3.90
C LYS B 166 -8.16 12.71 -2.63
N PHE B 167 -7.09 11.93 -2.43
CA PHE B 167 -7.06 11.01 -1.32
C PHE B 167 -5.89 11.21 -0.39
N ASP B 168 -4.68 11.00 -0.93
CA ASP B 168 -3.44 11.09 -0.13
C ASP B 168 -3.39 12.40 0.63
N TYR B 169 -3.73 13.48 -0.06
CA TYR B 169 -3.70 14.81 0.50
C TYR B 169 -4.72 15.02 1.65
N GLU B 170 -5.63 14.07 1.80
CA GLU B 170 -6.58 14.05 2.92
C GLU B 170 -6.19 13.03 3.98
N PHE B 171 -5.77 11.84 3.54
CA PHE B 171 -5.55 10.73 4.46
C PHE B 171 -4.09 10.39 4.71
N ALA B 172 -3.19 11.05 3.99
CA ALA B 172 -1.74 10.89 4.17
C ALA B 172 -1.25 9.46 3.90
N GLU B 173 -2.10 8.71 3.20
CA GLU B 173 -1.77 7.37 2.74
C GLU B 173 -2.48 7.10 1.42
N PRO B 174 -1.86 6.31 0.52
CA PRO B 174 -2.46 6.08 -0.80
C PRO B 174 -3.77 5.28 -0.72
N PRO B 175 -4.71 5.54 -1.65
CA PRO B 175 -6.01 4.88 -1.70
C PRO B 175 -5.94 3.35 -1.55
N ARG B 176 -4.80 2.76 -1.93
CA ARG B 176 -4.68 1.31 -1.98
C ARG B 176 -4.55 0.63 -0.61
N VAL B 177 -4.26 1.40 0.44
CA VAL B 177 -4.20 0.84 1.79
C VAL B 177 -5.33 1.35 2.67
N THR B 178 -6.11 2.30 2.16
CA THR B 178 -7.19 2.94 2.93
C THR B 178 -8.52 2.22 2.77
N SER B 179 -9.18 1.93 3.88
CA SER B 179 -10.49 1.29 3.83
C SER B 179 -11.49 2.17 3.07
N LEU B 180 -12.19 1.58 2.11
CA LEU B 180 -13.22 2.31 1.36
C LEU B 180 -14.39 2.67 2.26
N GLN B 181 -14.90 1.64 2.95
CA GLN B 181 -16.10 1.72 3.76
C GLN B 181 -15.99 2.77 4.84
N ASN B 182 -14.76 3.10 5.25
CA ASN B 182 -14.57 4.04 6.35
C ASN B 182 -14.04 5.42 5.94
N THR B 183 -13.94 5.66 4.63
CA THR B 183 -13.47 6.95 4.14
C THR B 183 -14.34 7.54 3.05
N VAL B 184 -14.97 6.67 2.25
CA VAL B 184 -15.81 7.11 1.13
C VAL B 184 -17.26 6.63 1.35
N PRO B 185 -18.18 7.56 1.68
CA PRO B 185 -17.95 8.98 1.96
C PRO B 185 -17.33 9.13 3.35
N LEU B 186 -16.83 10.32 3.66
CA LEU B 186 -16.22 10.57 4.97
C LEU B 186 -17.19 11.23 5.93
N ALA B 187 -17.45 10.56 7.06
CA ALA B 187 -18.36 11.04 8.11
C ALA B 187 -18.23 12.53 8.43
N THR B 188 -16.99 13.03 8.44
CA THR B 188 -16.70 14.45 8.64
C THR B 188 -17.42 15.38 7.64
N PHE B 189 -17.24 15.13 6.34
CA PHE B 189 -17.83 16.00 5.32
C PHE B 189 -19.31 15.75 5.13
N SER B 190 -19.74 14.53 5.43
CA SER B 190 -21.14 14.15 5.34
C SER B 190 -21.98 14.81 6.40
N ASP B 191 -21.46 14.88 7.62
CA ASP B 191 -22.20 15.48 8.73
C ASP B 191 -22.01 16.97 8.84
N PHE B 192 -20.77 17.42 8.68
CA PHE B 192 -20.46 18.80 9.01
C PHE B 192 -20.37 19.71 7.80
N GLY B 193 -20.29 19.12 6.61
CA GLY B 193 -20.26 19.90 5.39
C GLY B 193 -18.99 19.68 4.61
N ASP B 194 -19.03 20.03 3.33
CA ASP B 194 -17.89 19.75 2.46
C ASP B 194 -16.81 20.80 2.57
N ASP B 195 -17.13 21.97 3.10
CA ASP B 195 -16.15 23.06 3.14
C ASP B 195 -15.05 22.85 4.18
N VAL B 196 -13.87 23.39 3.88
CA VAL B 196 -12.77 23.45 4.84
C VAL B 196 -12.27 24.89 4.96
N TYR B 197 -11.86 25.30 6.16
CA TYR B 197 -11.41 26.67 6.41
C TYR B 197 -9.99 26.73 6.96
N PHE B 198 -9.12 27.41 6.22
CA PHE B 198 -7.72 27.52 6.56
C PHE B 198 -7.54 28.60 7.61
N VAL B 199 -7.22 28.20 8.83
CA VAL B 199 -6.98 29.17 9.90
C VAL B 199 -5.62 29.83 9.66
N ALA B 200 -5.59 31.15 9.57
CA ALA B 200 -4.34 31.89 9.45
C ALA B 200 -4.36 33.07 10.41
N ASP B 201 -4.17 32.77 11.68
CA ASP B 201 -4.28 33.75 12.76
C ASP B 201 -3.02 33.74 13.61
N GLN B 202 -2.53 34.93 13.95
CA GLN B 202 -1.24 35.06 14.65
C GLN B 202 -1.20 34.40 16.04
N ARG B 203 -2.38 34.23 16.63
CA ARG B 203 -2.55 33.49 17.88
C ARG B 203 -2.29 32.00 17.70
N GLY B 204 -2.61 31.49 16.52
CA GLY B 204 -2.45 30.08 16.22
C GLY B 204 -3.77 29.35 16.38
N TYR B 205 -3.86 28.21 15.72
CA TYR B 205 -5.03 27.35 15.78
C TYR B 205 -5.12 26.71 17.17
N GLU B 206 -3.96 26.59 17.83
CA GLU B 206 -3.82 26.08 19.20
C GLU B 206 -4.67 26.86 20.21
N ALA B 207 -5.00 28.10 19.87
CA ALA B 207 -5.86 28.95 20.70
C ALA B 207 -7.16 28.26 21.11
N VAL B 208 -7.65 27.35 20.27
CA VAL B 208 -8.86 26.57 20.57
C VAL B 208 -8.62 25.70 21.81
N VAL B 209 -7.48 25.01 21.83
CA VAL B 209 -7.09 24.19 22.98
C VAL B 209 -6.88 25.08 24.21
N TYR B 210 -6.15 26.17 24.03
CA TYR B 210 -5.89 27.11 25.12
C TYR B 210 -7.18 27.66 25.69
N TYR B 211 -8.16 27.88 24.82
CA TYR B 211 -9.46 28.38 25.24
C TYR B 211 -10.21 27.40 26.15
N LEU B 212 -10.30 26.14 25.70
CA LEU B 212 -11.00 25.09 26.44
C LEU B 212 -10.29 24.79 27.75
N ALA B 213 -8.95 24.76 27.69
CA ALA B 213 -8.11 24.58 28.88
C ALA B 213 -8.44 25.64 29.93
N GLY B 214 -8.64 26.88 29.48
CA GLY B 214 -8.98 27.99 30.36
C GLY B 214 -10.45 28.07 30.71
N GLN B 215 -11.15 26.95 30.58
CA GLN B 215 -12.54 26.89 30.99
C GLN B 215 -12.66 26.29 32.38
N TYR B 216 -11.65 25.55 32.79
CA TYR B 216 -11.69 24.76 34.01
C TYR B 216 -10.35 24.76 34.74
N LEU B 217 -9.31 25.27 34.09
CA LEU B 217 -8.01 25.41 34.74
C LEU B 217 -7.76 26.86 35.15
N LYS B 218 -7.23 27.04 36.35
CA LYS B 218 -6.92 28.35 36.90
C LYS B 218 -5.93 29.08 35.98
N THR B 219 -6.25 30.33 35.67
CA THR B 219 -5.34 31.15 34.86
C THR B 219 -4.99 32.46 35.55
N ASP B 220 -3.73 32.86 35.39
CA ASP B 220 -3.22 34.10 35.95
C ASP B 220 -4.00 35.26 35.37
N ASP B 221 -4.69 36.02 36.21
CA ASP B 221 -5.48 37.14 35.73
C ASP B 221 -4.64 38.20 35.05
N LYS B 222 -3.40 38.32 35.49
CA LYS B 222 -2.49 39.32 34.93
C LYS B 222 -1.99 38.89 33.55
N SER B 223 -1.28 37.76 33.46
CA SER B 223 -0.60 37.34 32.23
C SER B 223 -1.43 36.47 31.29
N GLY B 224 -2.50 35.87 31.81
CA GLY B 224 -3.37 35.00 31.01
C GLY B 224 -2.97 33.52 31.01
N LYS B 225 -1.78 33.22 31.53
CA LYS B 225 -1.21 31.87 31.48
C LYS B 225 -1.87 30.92 32.46
N ILE B 226 -2.08 29.67 32.03
CA ILE B 226 -2.62 28.63 32.92
C ILE B 226 -1.67 28.43 34.09
N VAL B 227 -2.19 28.60 35.30
CA VAL B 227 -1.37 28.45 36.50
C VAL B 227 -1.88 27.32 37.43
N ASP B 228 -2.89 26.58 36.98
CA ASP B 228 -3.50 25.53 37.78
C ASP B 228 -2.54 24.39 38.07
N PRO B 229 -2.36 24.05 39.35
CA PRO B 229 -1.43 23.00 39.76
C PRO B 229 -1.75 21.62 39.17
N ARG B 230 -2.95 21.50 38.57
CA ARG B 230 -3.37 20.24 37.98
C ARG B 230 -2.75 19.97 36.61
N LEU B 231 -2.37 21.03 35.89
CA LEU B 231 -1.61 20.92 34.63
C LEU B 231 -0.12 20.88 34.94
N GLN B 232 0.58 19.90 34.37
CA GLN B 232 2.00 19.71 34.65
C GLN B 232 2.81 19.38 33.40
N LEU B 233 3.34 20.44 32.77
CA LEU B 233 4.17 20.30 31.57
C LEU B 233 5.55 19.72 31.90
N ASN B 234 6.27 19.35 30.84
CA ASN B 234 7.59 18.73 30.97
C ASN B 234 7.58 17.46 31.80
N LYS B 235 6.53 16.66 31.61
CA LYS B 235 6.36 15.40 32.30
C LYS B 235 6.23 14.31 31.25
N VAL B 236 7.30 13.56 31.04
CA VAL B 236 7.29 12.50 30.05
C VAL B 236 6.99 11.19 30.74
N VAL B 237 5.72 10.76 30.66
CA VAL B 237 5.29 9.44 31.13
C VAL B 237 6.05 8.34 30.39
N ARG B 238 6.61 7.40 31.14
CA ARG B 238 7.44 6.34 30.56
C ARG B 238 7.02 4.95 30.99
N GLU B 239 6.24 4.88 32.05
CA GLU B 239 5.71 3.61 32.51
C GLU B 239 4.33 3.85 33.08
N ILE B 240 3.43 2.91 32.78
CA ILE B 240 2.13 2.86 33.43
C ILE B 240 1.98 1.47 34.05
N LYS B 241 2.08 1.42 35.38
CA LYS B 241 1.76 0.23 36.19
C LYS B 241 0.25 0.24 36.51
N TYR B 242 -0.43 -0.87 36.25
CA TYR B 242 -1.85 -0.98 36.59
C TYR B 242 -2.20 -2.30 37.30
N SER B 243 -3.00 -2.17 38.35
CA SER B 243 -3.46 -3.26 39.22
C SER B 243 -4.94 -3.05 39.56
N PRO B 244 -5.66 -4.13 39.92
CA PRO B 244 -7.04 -3.90 40.36
C PRO B 244 -7.07 -2.81 41.41
N GLY B 245 -6.00 -2.75 42.21
CA GLY B 245 -5.76 -1.71 43.20
C GLY B 245 -5.77 -0.31 42.62
N GLY B 246 -4.91 -0.06 41.64
CA GLY B 246 -4.86 1.25 40.99
C GLY B 246 -3.74 1.38 39.97
N VAL B 247 -3.39 2.63 39.62
CA VAL B 247 -2.33 2.88 38.64
C VAL B 247 -1.15 3.68 39.21
N THR B 248 0.05 3.30 38.80
CA THR B 248 1.25 4.09 39.08
C THR B 248 1.73 4.67 37.75
N VAL B 249 1.94 5.98 37.71
CA VAL B 249 2.44 6.66 36.52
C VAL B 249 3.84 7.21 36.80
N LYS B 250 4.83 6.77 36.02
CA LYS B 250 6.20 7.24 36.21
C LYS B 250 6.70 8.07 35.04
N THR B 251 7.34 9.20 35.35
CA THR B 251 7.79 10.16 34.33
C THR B 251 9.30 10.30 34.34
N GLU B 252 9.89 10.62 33.19
CA GLU B 252 11.35 10.72 32.98
C GLU B 252 12.14 11.52 34.02
N ASP B 253 11.52 12.51 34.64
CA ASP B 253 12.23 13.29 35.68
C ASP B 253 12.15 12.62 37.06
N ASN B 254 11.97 11.30 37.04
CA ASN B 254 11.89 10.47 38.24
C ASN B 254 10.67 10.61 39.13
N SER B 255 9.72 11.44 38.74
CA SER B 255 8.45 11.50 39.43
C SER B 255 7.72 10.16 39.32
N VAL B 256 6.99 9.82 40.38
CA VAL B 256 6.18 8.62 40.43
C VAL B 256 4.82 9.05 40.96
N TYR B 257 3.77 8.74 40.22
CA TYR B 257 2.44 9.16 40.62
C TYR B 257 1.50 7.99 40.90
N SER B 258 0.46 8.25 41.67
CA SER B 258 -0.56 7.25 41.93
C SER B 258 -1.90 7.86 41.68
N ALA B 259 -2.76 7.09 41.05
CA ALA B 259 -4.12 7.53 40.82
C ALA B 259 -5.05 6.34 40.73
N ASP B 260 -6.34 6.60 40.91
CA ASP B 260 -7.33 5.58 40.73
C ASP B 260 -7.40 5.14 39.26
N TYR B 261 -7.29 6.10 38.34
CA TYR B 261 -7.31 5.78 36.90
C TYR B 261 -6.32 6.62 36.10
N VAL B 262 -5.93 6.11 34.93
CA VAL B 262 -5.14 6.87 33.98
C VAL B 262 -5.81 6.96 32.58
N MET B 263 -5.95 8.18 32.07
CA MET B 263 -6.48 8.43 30.73
C MET B 263 -5.32 8.73 29.75
N VAL B 264 -5.08 7.83 28.79
CA VAL B 264 -3.95 7.99 27.89
C VAL B 264 -4.39 8.66 26.59
N SER B 265 -3.83 9.84 26.31
CA SER B 265 -4.21 10.59 25.11
C SER B 265 -3.07 10.69 24.08
N ALA B 266 -1.92 10.10 24.38
CA ALA B 266 -0.79 10.12 23.43
C ALA B 266 -1.21 9.49 22.10
N SER B 267 -0.57 9.96 21.02
CA SER B 267 -0.92 9.51 19.67
C SER B 267 -0.85 7.99 19.50
N LEU B 268 -1.43 7.51 18.41
CA LEU B 268 -1.35 6.11 18.04
C LEU B 268 0.09 5.69 17.75
N GLY B 269 0.88 6.60 17.20
CA GLY B 269 2.29 6.36 16.98
C GLY B 269 3.01 6.11 18.29
N VAL B 270 2.79 7.00 19.26
CA VAL B 270 3.37 6.86 20.61
C VAL B 270 3.05 5.49 21.21
N LEU B 271 1.78 5.09 21.08
CA LEU B 271 1.35 3.77 21.50
C LEU B 271 2.07 2.68 20.74
N GLN B 272 2.30 2.90 19.45
CA GLN B 272 3.01 1.92 18.61
C GLN B 272 4.50 1.88 18.90
N SER B 273 5.04 2.94 19.48
CA SER B 273 6.44 2.97 19.86
C SER B 273 6.62 2.35 21.24
N ASP B 274 7.81 2.47 21.80
CA ASP B 274 8.07 1.95 23.14
C ASP B 274 8.01 2.99 24.25
N LEU B 275 7.67 4.23 23.92
CA LEU B 275 7.81 5.34 24.86
C LEU B 275 7.15 5.07 26.21
N ILE B 276 5.88 4.67 26.20
CA ILE B 276 5.16 4.38 27.43
C ILE B 276 5.09 2.89 27.63
N GLN B 277 5.75 2.39 28.67
CA GLN B 277 5.74 0.98 28.99
C GLN B 277 4.58 0.62 29.94
N PHE B 278 3.80 -0.40 29.57
CA PHE B 278 2.69 -0.87 30.41
C PHE B 278 3.07 -2.11 31.20
N LYS B 279 2.80 -2.09 32.51
CA LYS B 279 3.05 -3.21 33.39
C LYS B 279 1.76 -3.51 34.12
N PRO B 280 1.15 -4.66 33.86
CA PRO B 280 1.63 -5.70 32.94
C PRO B 280 1.50 -5.32 31.46
N LYS B 281 2.18 -6.05 30.58
CA LYS B 281 2.06 -5.83 29.14
C LYS B 281 0.58 -5.85 28.75
N LEU B 282 0.19 -4.95 27.83
CA LEU B 282 -1.20 -4.88 27.37
C LEU B 282 -1.63 -6.21 26.75
N PRO B 283 -2.92 -6.57 26.88
CA PRO B 283 -3.38 -7.88 26.38
C PRO B 283 -3.24 -8.00 24.86
N THR B 284 -3.06 -9.21 24.35
CA THR B 284 -2.83 -9.39 22.91
C THR B 284 -3.91 -8.70 22.08
N TRP B 285 -5.17 -8.92 22.44
CA TRP B 285 -6.25 -8.30 21.68
C TRP B 285 -6.06 -6.79 21.53
N LYS B 286 -5.59 -6.14 22.60
CA LYS B 286 -5.30 -4.71 22.57
C LYS B 286 -4.09 -4.39 21.69
N VAL B 287 -3.03 -5.18 21.85
CA VAL B 287 -1.79 -5.00 21.11
C VAL B 287 -2.04 -5.06 19.60
N ARG B 288 -2.81 -6.06 19.17
CA ARG B 288 -3.14 -6.26 17.76
C ARG B 288 -3.94 -5.10 17.21
N ALA B 289 -4.86 -4.54 18.01
CA ALA B 289 -5.62 -3.37 17.60
C ALA B 289 -4.70 -2.17 17.29
N ILE B 290 -3.73 -1.96 18.17
CA ILE B 290 -2.77 -0.86 18.08
C ILE B 290 -1.88 -0.98 16.85
N TYR B 291 -1.27 -2.15 16.65
CA TYR B 291 -0.32 -2.28 15.55
C TYR B 291 -0.98 -2.57 14.22
N GLN B 292 -2.30 -2.71 14.24
CA GLN B 292 -3.03 -2.87 12.99
C GLN B 292 -3.52 -1.56 12.36
N PHE B 293 -3.85 -0.57 13.18
CA PHE B 293 -4.21 0.76 12.66
C PHE B 293 -2.96 1.52 12.21
N ASP B 294 -3.17 2.57 11.42
CA ASP B 294 -2.06 3.35 10.83
C ASP B 294 -1.89 4.70 11.48
N MET B 295 -0.63 5.09 11.69
CA MET B 295 -0.33 6.43 12.15
C MET B 295 0.32 7.18 11.00
N ALA B 296 -0.51 7.72 10.10
CA ALA B 296 0.01 8.35 8.89
C ALA B 296 0.87 9.61 9.16
N VAL B 297 1.65 10.00 8.15
CA VAL B 297 2.56 11.16 8.25
C VAL B 297 2.23 12.14 7.13
N TYR B 298 2.15 13.43 7.49
CA TYR B 298 1.73 14.50 6.59
C TYR B 298 2.65 15.70 6.80
N THR B 299 3.59 15.89 5.88
CA THR B 299 4.63 16.91 6.04
C THR B 299 4.37 18.21 5.30
N MET B 300 4.23 19.28 6.07
CA MET B 300 4.02 20.61 5.50
C MET B 300 5.35 21.36 5.36
N ILE B 301 5.92 21.37 4.16
CA ILE B 301 7.17 22.05 3.93
C ILE B 301 6.94 23.50 3.47
N PHE B 302 7.38 24.44 4.31
CA PHE B 302 7.29 25.88 4.05
C PHE B 302 8.59 26.42 3.44
N LEU B 303 8.46 27.30 2.45
CA LEU B 303 9.61 27.90 1.77
C LEU B 303 9.45 29.40 1.70
N LYS B 304 10.52 30.12 2.04
CA LYS B 304 10.57 31.59 1.91
C LYS B 304 11.40 31.98 0.68
N PHE B 305 10.93 32.96 -0.07
CA PHE B 305 11.63 33.45 -1.27
C PHE B 305 11.89 34.98 -1.29
N PRO B 306 13.01 35.40 -1.93
CA PRO B 306 13.29 36.84 -2.02
C PRO B 306 12.27 37.55 -2.89
N ARG B 307 11.80 36.89 -3.94
CA ARG B 307 10.72 37.43 -4.80
C ARG B 307 9.73 36.34 -5.23
N LYS B 308 8.53 36.75 -5.60
CA LYS B 308 7.51 35.86 -6.11
C LYS B 308 7.76 35.53 -7.55
N PHE B 309 7.35 34.36 -7.97
CA PHE B 309 7.56 33.92 -9.35
C PHE B 309 6.43 32.99 -9.80
N TRP B 310 5.56 32.66 -8.86
CA TRP B 310 4.38 31.84 -9.12
C TRP B 310 3.18 32.73 -9.39
N PRO B 311 2.21 32.23 -10.17
CA PRO B 311 0.92 32.90 -10.37
C PRO B 311 0.21 33.31 -9.06
N GLU B 312 -0.44 34.47 -9.10
CA GLU B 312 -1.32 34.93 -8.04
C GLU B 312 -2.57 35.48 -8.71
N GLY B 313 -3.70 35.47 -8.00
CA GLY B 313 -4.97 35.86 -8.61
C GLY B 313 -5.97 34.75 -8.47
N LYS B 314 -7.14 34.90 -9.10
CA LYS B 314 -8.29 33.99 -8.88
C LYS B 314 -7.93 32.53 -9.10
N GLY B 315 -8.21 31.70 -8.09
CA GLY B 315 -7.95 30.26 -8.14
C GLY B 315 -6.50 29.85 -8.34
N ARG B 316 -5.57 30.62 -7.77
CA ARG B 316 -4.15 30.32 -7.87
C ARG B 316 -3.58 29.75 -6.59
N GLU B 317 -4.43 29.67 -5.55
CA GLU B 317 -4.00 29.26 -4.22
C GLU B 317 -3.47 27.84 -4.18
N PHE B 318 -4.16 26.94 -4.88
CA PHE B 318 -3.73 25.55 -4.94
C PHE B 318 -3.28 25.18 -6.34
N PHE B 319 -2.10 24.61 -6.44
CA PHE B 319 -1.65 24.06 -7.70
C PHE B 319 -0.95 22.72 -7.54
N LEU B 320 -1.13 21.86 -8.54
CA LEU B 320 -0.59 20.52 -8.49
C LEU B 320 0.61 20.40 -9.41
N TYR B 321 1.57 19.58 -9.00
CA TYR B 321 2.68 19.23 -9.86
C TYR B 321 2.62 17.75 -10.20
N ALA B 322 2.21 17.47 -11.44
CA ALA B 322 2.00 16.10 -11.91
C ALA B 322 3.32 15.44 -12.28
N SER B 323 4.10 15.11 -11.26
CA SER B 323 5.31 14.32 -11.42
C SER B 323 4.99 12.90 -11.91
N SER B 324 5.96 12.25 -12.55
CA SER B 324 5.78 10.85 -12.98
C SER B 324 6.13 9.90 -11.85
N ARG B 325 6.74 10.46 -10.81
CA ARG B 325 7.04 9.76 -9.58
C ARG B 325 5.92 10.10 -8.62
N ARG B 326 4.98 9.15 -8.46
CA ARG B 326 3.74 9.40 -7.73
C ARG B 326 3.99 10.09 -6.40
N GLY B 327 3.34 11.22 -6.17
CA GLY B 327 3.42 11.91 -4.88
C GLY B 327 4.71 12.64 -4.58
N TYR B 328 5.59 12.75 -5.57
CA TYR B 328 6.82 13.51 -5.42
C TYR B 328 6.53 15.01 -5.47
N TYR B 329 6.52 15.65 -4.31
CA TYR B 329 6.23 17.09 -4.17
C TYR B 329 5.08 17.57 -5.07
N GLY B 330 3.89 17.02 -4.87
CA GLY B 330 2.77 17.25 -5.78
C GLY B 330 1.69 18.28 -5.44
N VAL B 331 1.47 18.56 -4.16
CA VAL B 331 0.41 19.50 -3.76
C VAL B 331 0.99 20.80 -3.20
N TRP B 332 0.77 21.90 -3.93
CA TRP B 332 1.36 23.20 -3.62
C TRP B 332 0.33 24.24 -3.24
N GLN B 333 0.68 25.14 -2.33
CA GLN B 333 -0.22 26.21 -1.91
C GLN B 333 0.49 27.53 -1.69
N GLU B 334 -0.13 28.59 -2.20
CA GLU B 334 0.41 29.95 -2.09
C GLU B 334 -0.53 30.86 -1.29
N PHE B 335 0.05 31.69 -0.42
CA PHE B 335 -0.75 32.38 0.60
C PHE B 335 -0.92 33.88 0.34
N GLU B 336 -1.37 34.22 -0.85
CA GLU B 336 -1.67 35.62 -1.15
C GLU B 336 -2.76 36.17 -0.22
N LYS B 337 -3.78 35.37 0.11
CA LYS B 337 -4.80 35.78 1.06
C LYS B 337 -4.29 35.77 2.50
N GLN B 338 -3.67 34.66 2.89
CA GLN B 338 -3.36 34.42 4.29
C GLN B 338 -2.14 35.19 4.78
N TYR B 339 -1.11 35.28 3.94
CA TYR B 339 0.14 35.92 4.34
C TYR B 339 0.61 36.91 3.28
N PRO B 340 -0.17 38.00 3.07
CA PRO B 340 0.15 38.94 1.98
C PRO B 340 1.56 39.51 2.10
N ASP B 341 2.20 39.72 0.95
CA ASP B 341 3.56 40.26 0.87
C ASP B 341 4.64 39.39 1.58
N ALA B 342 4.34 38.11 1.80
CA ALA B 342 5.24 37.23 2.57
C ALA B 342 6.19 36.36 1.73
N ASN B 343 5.79 36.01 0.51
CA ASN B 343 6.60 35.17 -0.41
C ASN B 343 6.83 33.73 0.05
N VAL B 344 5.81 33.15 0.67
CA VAL B 344 5.92 31.82 1.24
C VAL B 344 5.10 30.82 0.43
N LEU B 345 5.72 29.70 0.08
CA LEU B 345 5.02 28.60 -0.55
C LEU B 345 4.91 27.41 0.41
N LEU B 346 3.94 26.54 0.13
CA LEU B 346 3.78 25.31 0.90
C LEU B 346 3.58 24.10 0.01
N VAL B 347 4.63 23.28 -0.13
CA VAL B 347 4.44 21.95 -0.69
C VAL B 347 4.12 20.95 0.44
N THR B 348 3.20 20.03 0.18
CA THR B 348 2.91 18.96 1.11
C THR B 348 3.39 17.61 0.55
N VAL B 349 4.11 16.85 1.37
CA VAL B 349 4.40 15.46 1.08
C VAL B 349 3.77 14.63 2.17
N THR B 350 3.70 13.32 1.98
CA THR B 350 3.13 12.42 2.98
C THR B 350 3.82 11.07 2.93
N ASP B 351 3.45 10.19 3.87
CA ASP B 351 3.78 8.78 3.78
C ASP B 351 5.24 8.54 3.41
N GLU B 352 5.48 7.72 2.38
CA GLU B 352 6.83 7.26 2.03
C GLU B 352 7.78 8.41 1.85
N GLU B 353 7.33 9.42 1.11
CA GLU B 353 8.10 10.63 0.87
C GLU B 353 8.46 11.35 2.16
N SER B 354 7.48 11.51 3.05
CA SER B 354 7.70 12.09 4.37
C SER B 354 8.82 11.38 5.11
N ARG B 355 8.77 10.05 5.15
CA ARG B 355 9.74 9.25 5.86
C ARG B 355 11.12 9.38 5.25
N ARG B 356 11.19 9.47 3.92
CA ARG B 356 12.47 9.68 3.24
C ARG B 356 13.00 11.05 3.62
N ILE B 357 12.20 12.08 3.33
CA ILE B 357 12.57 13.47 3.55
C ILE B 357 13.01 13.75 4.98
N GLU B 358 12.29 13.21 5.97
CA GLU B 358 12.58 13.48 7.39
C GLU B 358 13.97 13.04 7.78
N GLN B 359 14.47 12.02 7.10
CA GLN B 359 15.76 11.42 7.41
C GLN B 359 16.92 11.99 6.60
N GLN B 360 16.75 13.23 6.09
CA GLN B 360 17.84 13.94 5.43
C GLN B 360 17.80 15.41 5.84
N SER B 361 18.92 16.11 5.64
CA SER B 361 19.05 17.53 6.04
C SER B 361 18.08 18.47 5.30
N ASP B 362 17.74 19.58 5.97
CA ASP B 362 16.88 20.60 5.38
C ASP B 362 17.42 21.12 4.06
N GLU B 363 18.75 21.20 3.97
CA GLU B 363 19.40 21.71 2.78
C GLU B 363 19.27 20.72 1.63
N GLN B 364 19.28 19.44 1.97
CA GLN B 364 19.07 18.38 1.01
C GLN B 364 17.67 18.45 0.39
N THR B 365 16.66 18.59 1.24
CA THR B 365 15.27 18.69 0.80
C THR B 365 15.06 19.95 -0.02
N LYS B 366 15.61 21.08 0.45
CA LYS B 366 15.49 22.35 -0.27
C LYS B 366 16.08 22.25 -1.67
N ALA B 367 17.21 21.57 -1.80
CA ALA B 367 17.84 21.33 -3.10
C ALA B 367 16.89 20.60 -4.04
N GLU B 368 16.24 19.55 -3.55
CA GLU B 368 15.24 18.80 -4.31
C GLU B 368 14.09 19.70 -4.74
N ILE B 369 13.58 20.48 -3.79
CA ILE B 369 12.42 21.34 -4.03
C ILE B 369 12.74 22.45 -5.04
N MET B 370 13.98 22.95 -4.99
CA MET B 370 14.40 23.98 -5.93
C MET B 370 14.40 23.45 -7.36
N GLN B 371 14.80 22.19 -7.51
CA GLN B 371 14.79 21.55 -8.81
C GLN B 371 13.37 21.34 -9.37
N VAL B 372 12.42 20.97 -8.53
CA VAL B 372 11.03 20.81 -8.95
C VAL B 372 10.44 22.14 -9.40
N LEU B 373 10.77 23.20 -8.67
CA LEU B 373 10.22 24.52 -8.94
C LEU B 373 10.76 25.10 -10.25
N ARG B 374 12.05 24.89 -10.51
CA ARG B 374 12.66 25.38 -11.74
C ARG B 374 12.19 24.60 -12.97
N LYS B 375 11.86 23.33 -12.78
CA LYS B 375 11.17 22.54 -13.79
C LYS B 375 9.79 23.10 -14.10
N MET B 376 9.10 23.54 -13.03
CA MET B 376 7.71 24.00 -13.11
C MET B 376 7.56 25.35 -13.76
N PHE B 377 8.52 26.24 -13.48
CA PHE B 377 8.48 27.57 -14.06
C PHE B 377 9.77 27.80 -14.85
N PRO B 378 9.85 27.24 -16.07
CA PRO B 378 11.04 27.46 -16.87
C PRO B 378 10.99 28.88 -17.45
N GLY B 379 9.78 29.42 -17.57
CA GLY B 379 9.57 30.79 -18.01
C GLY B 379 10.24 31.78 -17.08
N LYS B 380 9.98 31.65 -15.79
CA LYS B 380 10.48 32.58 -14.78
C LYS B 380 11.92 32.27 -14.40
N ASP B 381 12.57 33.24 -13.73
CA ASP B 381 13.88 33.03 -13.13
C ASP B 381 13.72 32.83 -11.61
N VAL B 382 13.70 31.56 -11.22
CA VAL B 382 13.32 31.13 -9.87
C VAL B 382 14.52 31.27 -8.91
N PRO B 383 14.40 32.18 -7.92
CA PRO B 383 15.46 32.36 -6.93
C PRO B 383 15.42 31.30 -5.85
N ASP B 384 16.57 30.99 -5.27
CA ASP B 384 16.65 30.03 -4.18
C ASP B 384 15.76 30.42 -3.02
N ALA B 385 15.26 29.40 -2.33
CA ALA B 385 14.55 29.61 -1.07
C ALA B 385 15.57 30.01 0.00
N THR B 386 15.31 31.11 0.66
CA THR B 386 16.19 31.60 1.72
C THR B 386 15.93 30.87 3.04
N ASP B 387 14.70 30.42 3.23
CA ASP B 387 14.32 29.67 4.44
C ASP B 387 13.40 28.50 4.11
N ILE B 388 13.74 27.33 4.64
CA ILE B 388 12.90 26.14 4.52
C ILE B 388 12.55 25.61 5.90
N LEU B 389 11.30 25.20 6.08
CA LEU B 389 10.86 24.60 7.34
C LEU B 389 10.24 23.23 7.11
N VAL B 390 10.86 22.20 7.67
CA VAL B 390 10.45 20.81 7.45
C VAL B 390 10.06 20.13 8.75
N PRO B 391 8.77 20.17 9.12
CA PRO B 391 8.30 19.61 10.38
C PRO B 391 8.47 18.10 10.41
N ARG B 392 9.20 17.61 11.41
CA ARG B 392 9.52 16.18 11.49
C ARG B 392 8.68 15.40 12.51
N TRP B 393 7.36 15.40 12.31
CA TRP B 393 6.39 14.80 13.22
C TRP B 393 6.58 13.30 13.43
N TRP B 394 7.05 12.61 12.39
CA TRP B 394 7.30 11.18 12.48
C TRP B 394 8.46 10.96 13.44
N SER B 395 9.53 11.72 13.25
CA SER B 395 10.73 11.59 14.06
C SER B 395 10.63 12.25 15.44
N ASP B 396 9.43 12.71 15.79
CA ASP B 396 9.22 13.27 17.13
C ASP B 396 8.63 12.21 18.05
N ARG B 397 9.42 11.81 19.06
CA ARG B 397 9.06 10.71 19.94
C ARG B 397 7.71 10.88 20.65
N PHE B 398 7.26 12.13 20.79
CA PHE B 398 5.94 12.39 21.38
C PHE B 398 4.81 12.37 20.36
N TYR B 399 5.13 12.12 19.10
CA TYR B 399 4.10 12.13 18.06
C TYR B 399 4.15 10.96 17.07
N LYS B 400 5.34 10.62 16.57
CA LYS B 400 5.53 9.48 15.66
C LYS B 400 4.56 9.42 14.47
N GLY B 401 4.10 10.58 14.03
CA GLY B 401 3.14 10.70 12.92
C GLY B 401 2.39 12.02 12.98
N THR B 402 1.37 12.19 12.13
CA THR B 402 0.53 13.40 12.16
C THR B 402 -0.90 13.09 12.51
N PHE B 403 -1.44 12.03 11.92
CA PHE B 403 -2.79 11.57 12.26
C PHE B 403 -3.03 10.13 11.84
N SER B 404 -4.05 9.51 12.39
CA SER B 404 -4.36 8.12 12.08
C SER B 404 -5.00 7.98 10.71
N ASN B 405 -4.96 6.77 10.17
CA ASN B 405 -5.78 6.42 9.02
C ASN B 405 -6.34 5.02 9.17
N TRP B 406 -7.57 4.85 8.70
CA TRP B 406 -8.27 3.57 8.77
C TRP B 406 -7.84 2.68 7.61
N PRO B 407 -7.08 1.62 7.92
CA PRO B 407 -6.56 0.78 6.83
C PRO B 407 -7.58 -0.23 6.36
N VAL B 408 -7.39 -0.76 5.15
CA VAL B 408 -8.17 -1.92 4.70
C VAL B 408 -7.79 -3.12 5.59
N GLY B 409 -8.79 -3.80 6.13
CA GLY B 409 -8.55 -4.96 6.96
C GLY B 409 -8.87 -4.75 8.42
N VAL B 410 -8.84 -3.49 8.88
CA VAL B 410 -9.25 -3.18 10.25
C VAL B 410 -10.76 -2.92 10.22
N ASN B 411 -11.53 -3.84 10.76
CA ASN B 411 -12.98 -3.69 10.73
C ASN B 411 -13.49 -2.82 11.88
N ARG B 412 -14.78 -2.51 11.82
CA ARG B 412 -15.44 -1.61 12.78
C ARG B 412 -15.30 -2.06 14.24
N TYR B 413 -15.06 -3.36 14.42
CA TYR B 413 -14.98 -3.96 15.74
C TYR B 413 -13.61 -3.74 16.34
N GLU B 414 -12.57 -4.17 15.63
CA GLU B 414 -11.20 -4.03 16.14
C GLU B 414 -10.81 -2.57 16.33
N TYR B 415 -11.44 -1.69 15.56
CA TYR B 415 -11.32 -0.26 15.81
C TYR B 415 -11.82 0.09 17.21
N ASP B 416 -12.97 -0.45 17.60
CA ASP B 416 -13.51 -0.22 18.93
C ASP B 416 -12.63 -0.86 20.03
N GLN B 417 -11.83 -1.86 19.65
CA GLN B 417 -10.87 -2.46 20.57
C GLN B 417 -9.73 -1.50 20.93
N LEU B 418 -9.41 -0.57 20.01
CA LEU B 418 -8.42 0.48 20.26
C LEU B 418 -8.84 1.38 21.41
N ARG B 419 -10.10 1.80 21.42
CA ARG B 419 -10.63 2.67 22.47
C ARG B 419 -10.90 1.92 23.76
N ALA B 420 -11.19 0.62 23.65
CA ALA B 420 -11.51 -0.22 24.81
C ALA B 420 -10.52 -0.04 25.94
N PRO B 421 -11.03 0.15 27.18
CA PRO B 421 -10.14 0.26 28.34
C PRO B 421 -9.51 -1.08 28.73
N VAL B 422 -8.32 -1.02 29.29
CA VAL B 422 -7.66 -2.20 29.85
C VAL B 422 -7.47 -1.94 31.35
N GLY B 423 -8.25 -2.61 32.18
CA GLY B 423 -8.20 -2.38 33.62
C GLY B 423 -8.57 -0.95 33.93
N ARG B 424 -7.74 -0.29 34.73
CA ARG B 424 -7.94 1.11 35.06
C ARG B 424 -7.27 2.05 34.05
N VAL B 425 -6.82 1.50 32.92
CA VAL B 425 -6.15 2.28 31.89
C VAL B 425 -7.15 2.62 30.81
N TYR B 426 -7.45 3.91 30.66
CA TYR B 426 -8.40 4.37 29.65
C TYR B 426 -7.67 5.09 28.51
N PHE B 427 -8.29 5.10 27.33
CA PHE B 427 -7.67 5.65 26.14
C PHE B 427 -8.56 6.71 25.48
N THR B 428 -7.92 7.71 24.85
CA THR B 428 -8.63 8.79 24.16
C THR B 428 -7.71 9.38 23.09
N GLY B 429 -8.24 10.30 22.29
CA GLY B 429 -7.47 10.86 21.18
C GLY B 429 -8.14 10.60 19.85
N GLU B 430 -7.65 11.27 18.80
CA GLU B 430 -8.25 11.16 17.46
C GLU B 430 -8.41 9.72 16.96
N HIS B 431 -7.47 8.85 17.33
CA HIS B 431 -7.51 7.44 16.95
C HIS B 431 -8.63 6.66 17.65
N THR B 432 -9.24 7.27 18.67
CA THR B 432 -10.38 6.65 19.37
C THR B 432 -11.73 7.25 18.96
N SER B 433 -11.69 8.36 18.21
CA SER B 433 -12.92 9.01 17.74
C SER B 433 -13.76 8.05 16.91
N GLU B 434 -15.02 7.87 17.29
CA GLU B 434 -15.91 6.93 16.59
C GLU B 434 -16.02 7.20 15.09
N HIS B 435 -16.39 8.42 14.70
CA HIS B 435 -16.60 8.72 13.28
C HIS B 435 -15.73 9.86 12.75
N TYR B 436 -14.78 10.35 13.55
CA TYR B 436 -13.98 11.49 13.11
C TYR B 436 -12.49 11.34 13.37
N ASN B 437 -11.99 10.10 13.34
CA ASN B 437 -10.56 9.88 13.54
C ASN B 437 -9.72 10.66 12.55
N GLY B 438 -8.65 11.26 13.06
CA GLY B 438 -7.70 12.03 12.27
C GLY B 438 -7.96 13.52 12.14
N TYR B 439 -8.86 14.05 12.97
CA TYR B 439 -9.24 15.48 12.89
C TYR B 439 -9.28 16.16 14.23
N VAL B 440 -9.08 17.47 14.21
CA VAL B 440 -9.17 18.32 15.40
C VAL B 440 -10.48 18.02 16.14
N HIS B 441 -11.61 18.10 15.43
CA HIS B 441 -12.91 17.84 16.02
C HIS B 441 -13.05 16.41 16.50
N GLY B 442 -12.45 15.48 15.76
CA GLY B 442 -12.38 14.08 16.17
C GLY B 442 -11.68 13.89 17.50
N ALA B 443 -10.53 14.53 17.66
CA ALA B 443 -9.81 14.50 18.93
C ALA B 443 -10.68 15.12 20.02
N TYR B 444 -11.27 16.27 19.72
CA TYR B 444 -12.10 16.97 20.67
C TYR B 444 -13.21 16.07 21.21
N LEU B 445 -13.97 15.48 20.31
CA LEU B 445 -15.14 14.69 20.67
C LEU B 445 -14.76 13.39 21.38
N SER B 446 -13.62 12.81 21.01
CA SER B 446 -13.13 11.57 21.62
C SER B 446 -12.87 11.79 23.09
N GLY B 447 -12.27 12.96 23.40
CA GLY B 447 -12.04 13.42 24.77
C GLY B 447 -13.29 13.31 25.63
N ILE B 448 -14.36 13.96 25.20
CA ILE B 448 -15.67 13.86 25.86
C ILE B 448 -16.16 12.40 25.96
N ASP B 449 -16.11 11.67 24.84
CA ASP B 449 -16.56 10.28 24.80
C ASP B 449 -15.79 9.40 25.79
N SER B 450 -14.46 9.46 25.72
CA SER B 450 -13.61 8.69 26.62
C SER B 450 -13.89 9.09 28.07
N ALA B 451 -13.94 10.40 28.30
CA ALA B 451 -14.28 10.94 29.61
C ALA B 451 -15.53 10.25 30.15
N GLU B 452 -16.60 10.28 29.35
CA GLU B 452 -17.89 9.74 29.77
C GLU B 452 -17.84 8.23 30.09
N ILE B 453 -17.14 7.45 29.27
CA ILE B 453 -16.92 6.03 29.59
C ILE B 453 -16.33 5.93 31.00
N LEU B 454 -15.30 6.73 31.30
CA LEU B 454 -14.63 6.70 32.60
C LEU B 454 -15.45 7.32 33.74
N ILE B 455 -16.21 8.37 33.45
CA ILE B 455 -17.14 8.95 34.42
C ILE B 455 -18.14 7.87 34.86
N ASN B 456 -18.53 7.03 33.93
CA ASN B 456 -19.47 5.96 34.18
C ASN B 456 -18.88 4.91 35.11
N CYS B 457 -17.59 4.70 34.97
CA CYS B 457 -16.89 3.73 35.78
C CYS B 457 -16.39 4.31 37.10
N ALA B 458 -15.55 5.35 37.02
CA ALA B 458 -14.95 5.95 38.20
C ALA B 458 -15.98 6.56 39.15
N GLN B 459 -17.04 7.13 38.59
CA GLN B 459 -18.03 7.83 39.40
C GLN B 459 -19.27 7.00 39.67
N LYS B 460 -19.97 6.59 38.61
CA LYS B 460 -21.23 5.86 38.73
C LYS B 460 -21.02 4.38 39.09
N LYS B 461 -19.76 3.95 39.07
CA LYS B 461 -19.35 2.64 39.56
C LYS B 461 -19.82 1.46 38.69
N MET B 462 -20.27 1.75 37.48
CA MET B 462 -20.54 0.70 36.50
C MET B 462 -19.39 0.63 35.52
N CYS B 463 -18.65 -0.48 35.53
CA CYS B 463 -17.37 -0.58 34.84
C CYS B 463 -17.21 -1.68 33.77
N LYS B 464 -18.26 -2.43 33.49
CA LYS B 464 -18.18 -3.45 32.45
C LYS B 464 -18.32 -2.76 31.10
N TYR B 465 -17.42 -3.09 30.18
CA TYR B 465 -17.39 -2.44 28.86
C TYR B 465 -17.65 -3.48 27.76
N HIS B 466 -18.39 -3.10 26.72
CA HIS B 466 -18.67 -4.02 25.60
C HIS B 466 -18.09 -3.62 24.24
N VAL B 467 -17.19 -4.45 23.72
CA VAL B 467 -16.66 -4.25 22.38
C VAL B 467 -17.61 -4.80 21.31
#